data_7P00
#
_entry.id   7P00
#
_cell.length_a   1.00
_cell.length_b   1.00
_cell.length_c   1.00
_cell.angle_alpha   90.00
_cell.angle_beta   90.00
_cell.angle_gamma   90.00
#
_symmetry.space_group_name_H-M   'P 1'
#
loop_
_entity.id
_entity.type
_entity.pdbx_description
1 polymer 'Antibody fragment scFv16'
2 polymer 'Guanine nucleotide-binding protein G(I)/G(S)/G(T) subunit beta-1'
3 polymer 'Guanine nucleotide-binding protein G(I)/G(S)/G(O) subunit gamma-2'
4 polymer 'Guanine nucleotide-binding protein G(i) subunit alpha-1,Guanine nucleotide-binding protein G(s) subunit alpha isoforms short'
5 polymer 'Substance-P receptor'
6 polymer 'Substance P'
7 non-polymer CHOLESTEROL
#
loop_
_entity_poly.entity_id
_entity_poly.type
_entity_poly.pdbx_seq_one_letter_code
_entity_poly.pdbx_strand_id
1 'polypeptide(L)'
;MKFLVNVALVFMVVYISYIYADYKDDDDKHHHHHHHHHHLEVLFQGPDVQLVESGGGLVQPGGSRKLSCSASGFAFSSFG
MHWVRQAPEKGLEWVAYISSGSGTIYYADTVKGRFTISRDDPKNTLFLQMTSLRSEDTAMYYCVRSIYYYGSSPFDFWGQ
GTTLTVSSGGGGSGGGGSGGGGSDIVMTQATSSVPVTPGESVSISCRSSKSLLHSNGNTYLYWFLQRPGQSPQLLIYRMS
NLASGVPDRFSGSGSGTAFTLTISRLEAEDVGVYYCMQHLEYPLTFGAGTKLELKAAA
;
H
2 'polypeptide(L)'
;MHHHHHHHHHHGSSGSELDQLRQEAEQLKNQIRDARKACADATLSQITNNIDPVGRIQMRTRRTLRGHLAKIYAMHWGTD
SRLLVSASQDGKLIIWDSYTTNKVHAIPLRSSWVMTCAYAPSGNYVACGGLDNICSIYNLKTREGNVRVSRELAGHTGYL
SCCRFLDDNQIVTSSGDTTCALWDIETGQQTTTFTGHTGDVMSLSLAPDTRLFVSGACDASAKLWDVREGMCRQTFTGHE
SDINAICFFPNGNAFATGSDDATCRLFDLRADQELMTYSHDNIICGITSVSFSKSGRLLLAGYDDFNCNVWDALKADRAG
VLAGHDNRVSCLGVTDDGMAVATGSWDSFLKIWN
;
B
3 'polypeptide(L)' MASNNTASIAQARKLVEQLKMEANIDRIKVSKAAADLMAYCEAHAKEDPLLTPVPASENPFREKKFFCAIL G
4 'polypeptide(L)'
;MGCTLSAEDKAAVERSKMIEKQLQKDKQVYRATHRLLLLGADNSGKSTIVKQMRILHGGSGGSGGTSGIFETKFQVDKVN
FHMFDVGGQRDERRKWIQCFNDVTAIIFVVDSSDYNRLQEALNLFKSIWNNRWLRTISVILFLNKQDLLAEKVLAGKSKI
EDYFPEFARYTTPEDATPEPGEDPRVTRAKYFIRDEFLRISTASGDGRHYCYPHFTCAVDTENARRIFNDCKDIILQMNL
REYNLV
;
A
5 'polypeptide(L)'
;MKFLVNVALVFMVVYISYIYADYKDDDDKHHHHHHHHHHLEVLFQGPMDNVLPVDSDLSPNISTNTSEPNQFVQPAWQIV
LWAAAYTVIVVTSVVGNVVVMWIILAHKRMRTVTNYFLVNLAFAEASMAAFNTVVNFTYAVHNEWYYGLFYCKFHNFFPI
AAVFASIYSMTAVAFDRYMAIIHPLQPRLSATATKVVICVIWVLALLLAFPQGYYSTTETMPSRVVCMIEWPEHPNKIYE
KVYHICVTVLIYFLPLLVIGYAYTVVGITLWASEIPGDSSDRYHEQVSAKRKVVKMMIVVVCTFAICWLPFHIFFLLPYI
NPDLYLKKFIQQVYLAIMWLAMSSTMYNPIIYCCLNDRFRLGFKHAFRCCPFISAGDYEGLE
;
R
6 'polypeptide(L)' RPKPQQFFGLM(NH2) P
#
# COMPACT_ATOMS: atom_id res chain seq x y z
N ASP A 48 27.44 19.22 15.25
CA ASP A 48 26.90 20.32 14.40
C ASP A 48 27.05 19.94 12.93
N VAL A 49 26.47 20.73 12.02
CA VAL A 49 26.51 20.42 10.57
C VAL A 49 27.81 20.97 10.02
N GLN A 50 28.62 20.16 9.34
CA GLN A 50 29.90 20.65 8.79
C GLN A 50 30.15 20.01 7.42
N LEU A 51 30.72 20.77 6.48
CA LEU A 51 31.06 20.20 5.15
C LEU A 51 32.49 20.61 4.81
N VAL A 52 33.47 20.23 5.64
CA VAL A 52 34.88 20.67 5.41
C VAL A 52 35.36 20.02 4.12
N GLU A 53 35.96 20.81 3.23
CA GLU A 53 36.54 20.19 2.00
C GLU A 53 38.04 20.45 1.92
N SER A 54 38.83 19.45 1.52
CA SER A 54 40.27 19.65 1.26
C SER A 54 40.63 19.09 -0.11
N GLY A 55 41.88 19.28 -0.56
CA GLY A 55 42.29 18.68 -1.85
C GLY A 55 42.71 19.72 -2.85
N GLY A 56 42.87 20.96 -2.39
CA GLY A 56 43.21 22.04 -3.32
C GLY A 56 44.57 22.63 -3.02
N GLY A 57 45.30 22.99 -4.06
CA GLY A 57 46.58 23.70 -3.91
C GLY A 57 47.07 24.11 -5.28
N LEU A 58 48.37 24.44 -5.43
CA LEU A 58 48.94 24.84 -6.75
C LEU A 58 49.08 23.60 -7.63
N VAL A 59 48.73 23.68 -8.92
CA VAL A 59 48.83 22.54 -9.88
C VAL A 59 49.23 23.13 -11.23
N GLN A 60 50.20 22.54 -11.93
CA GLN A 60 50.66 23.02 -13.26
C GLN A 60 49.53 22.80 -14.26
N PRO A 61 49.33 23.62 -15.31
CA PRO A 61 48.19 23.43 -16.21
C PRO A 61 48.18 22.04 -16.86
N GLY A 62 47.01 21.53 -17.22
CA GLY A 62 46.86 20.17 -17.79
C GLY A 62 46.99 19.11 -16.72
N GLY A 63 47.09 19.52 -15.44
CA GLY A 63 47.21 18.57 -14.34
C GLY A 63 45.85 18.04 -13.91
N SER A 64 45.78 17.29 -12.80
CA SER A 64 44.52 16.72 -12.28
C SER A 64 44.59 16.65 -10.76
N ARG A 65 43.57 17.11 -10.04
CA ARG A 65 43.49 17.03 -8.56
C ARG A 65 42.09 16.53 -8.20
N LYS A 66 41.93 15.84 -7.07
CA LYS A 66 40.59 15.39 -6.59
C LYS A 66 40.25 16.21 -5.36
N LEU A 67 39.04 16.78 -5.30
CA LEU A 67 38.61 17.64 -4.18
C LEU A 67 37.63 16.82 -3.34
N SER A 68 37.84 16.74 -2.02
CA SER A 68 37.01 15.85 -1.18
C SER A 68 36.30 16.61 -0.05
N CYS A 69 34.97 16.68 -0.11
CA CYS A 69 34.18 17.34 0.96
C CYS A 69 33.74 16.27 1.97
N SER A 70 34.16 16.37 3.24
CA SER A 70 33.77 15.40 4.29
C SER A 70 32.58 15.94 5.07
N ALA A 71 31.43 15.28 5.00
CA ALA A 71 30.20 15.76 5.66
C ALA A 71 30.09 15.18 7.08
N SER A 72 29.91 16.05 8.07
CA SER A 72 29.70 15.57 9.47
C SER A 72 28.50 16.27 10.10
N GLY A 73 27.59 15.52 10.73
CA GLY A 73 26.48 16.15 11.47
C GLY A 73 25.17 16.20 10.70
N PHE A 74 25.03 15.40 9.64
CA PHE A 74 23.78 15.35 8.86
C PHE A 74 23.77 14.07 8.02
N ALA A 75 22.61 13.72 7.48
CA ALA A 75 22.50 12.50 6.67
C ALA A 75 23.00 12.83 5.27
N PHE A 76 24.26 12.52 4.99
CA PHE A 76 24.86 12.89 3.69
C PHE A 76 24.09 12.19 2.59
N SER A 77 23.69 10.94 2.82
CA SER A 77 23.04 10.17 1.73
C SER A 77 21.77 10.87 1.29
N SER A 78 20.99 11.40 2.24
CA SER A 78 19.69 12.03 1.90
C SER A 78 19.85 13.28 1.04
N PHE A 79 20.87 14.09 1.29
CA PHE A 79 21.01 15.41 0.60
C PHE A 79 21.81 15.30 -0.70
N GLY A 80 21.28 15.83 -1.80
CA GLY A 80 22.07 15.90 -3.05
C GLY A 80 23.12 16.98 -2.93
N MET A 81 24.32 16.77 -3.45
CA MET A 81 25.40 17.76 -3.24
C MET A 81 25.73 18.53 -4.52
N HIS A 82 26.29 19.72 -4.39
CA HIS A 82 26.71 20.51 -5.58
C HIS A 82 28.07 21.12 -5.31
N TRP A 83 28.87 21.30 -6.36
CA TRP A 83 30.17 22.00 -6.21
C TRP A 83 29.99 23.35 -6.89
N VAL A 84 30.19 24.45 -6.19
CA VAL A 84 30.09 25.79 -6.83
C VAL A 84 31.44 26.48 -6.66
N ARG A 85 31.95 27.16 -7.69
CA ARG A 85 33.31 27.76 -7.59
C ARG A 85 33.22 29.28 -7.64
N GLN A 86 34.12 29.98 -6.96
CA GLN A 86 34.19 31.46 -7.01
C GLN A 86 35.60 31.85 -7.46
N ALA A 87 35.76 32.32 -8.69
CA ALA A 87 37.08 32.74 -9.20
C ALA A 87 37.56 33.83 -8.26
N PRO A 88 38.87 34.06 -8.07
CA PRO A 88 39.33 34.97 -7.02
C PRO A 88 38.75 36.40 -7.08
N GLU A 89 38.63 36.99 -8.26
CA GLU A 89 38.13 38.39 -8.42
C GLU A 89 36.71 38.39 -9.02
N LYS A 90 36.05 37.23 -9.15
CA LYS A 90 34.75 37.12 -9.85
C LYS A 90 33.70 36.51 -8.92
N GLY A 91 32.52 36.14 -9.45
CA GLY A 91 31.39 35.64 -8.65
C GLY A 91 31.24 34.13 -8.65
N LEU A 92 30.10 33.62 -8.18
CA LEU A 92 29.82 32.17 -8.06
C LEU A 92 29.36 31.53 -9.36
N GLU A 93 29.82 30.30 -9.63
CA GLU A 93 29.42 29.55 -10.86
C GLU A 93 29.17 28.10 -10.46
N TRP A 94 28.03 27.50 -10.85
CA TRP A 94 27.72 26.12 -10.40
C TRP A 94 28.59 25.12 -11.18
N VAL A 95 29.40 24.30 -10.49
CA VAL A 95 30.30 23.36 -11.20
C VAL A 95 29.62 22.01 -11.48
N ALA A 96 29.04 21.36 -10.47
CA ALA A 96 28.44 20.03 -10.72
C ALA A 96 27.31 19.73 -9.73
N TYR A 97 26.50 18.71 -9.99
CA TYR A 97 25.43 18.29 -9.04
C TYR A 97 25.38 16.77 -8.94
N ILE A 98 25.46 16.23 -7.73
CA ILE A 98 25.35 14.76 -7.51
C ILE A 98 24.06 14.54 -6.71
N SER A 99 23.11 13.79 -7.25
CA SER A 99 21.82 13.59 -6.57
C SER A 99 21.93 12.49 -5.53
N SER A 100 21.04 12.50 -4.53
CA SER A 100 21.04 11.41 -3.54
C SER A 100 20.85 10.10 -4.31
N GLY A 101 21.66 9.09 -4.00
CA GLY A 101 21.62 7.82 -4.76
C GLY A 101 22.53 7.87 -5.96
N SER A 102 23.07 9.05 -6.29
CA SER A 102 24.05 9.18 -7.39
C SER A 102 23.39 8.88 -8.73
N GLY A 103 22.05 8.98 -8.80
CA GLY A 103 21.36 8.62 -10.04
C GLY A 103 21.23 9.76 -11.01
N THR A 104 21.50 10.99 -10.57
CA THR A 104 21.49 12.09 -11.57
C THR A 104 22.74 12.93 -11.35
N ILE A 105 23.46 13.18 -12.43
CA ILE A 105 24.69 14.02 -12.34
C ILE A 105 24.56 15.08 -13.43
N TYR A 106 24.76 16.34 -13.09
CA TYR A 106 24.75 17.41 -14.11
C TYR A 106 26.07 18.17 -13.96
N TYR A 107 26.63 18.66 -15.06
CA TYR A 107 27.93 19.37 -15.00
C TYR A 107 27.81 20.69 -15.75
N ALA A 108 28.65 21.66 -15.41
CA ALA A 108 28.58 22.93 -16.17
C ALA A 108 29.35 22.79 -17.47
N ASP A 109 28.82 23.35 -18.55
CA ASP A 109 29.44 23.13 -19.90
C ASP A 109 30.95 23.42 -19.85
N THR A 110 31.39 24.37 -19.04
CA THR A 110 32.83 24.71 -18.96
C THR A 110 33.65 23.54 -18.44
N VAL A 111 33.12 22.72 -17.55
CA VAL A 111 33.95 21.64 -16.92
C VAL A 111 33.48 20.29 -17.42
N LYS A 112 32.48 20.25 -18.30
CA LYS A 112 31.91 18.95 -18.72
C LYS A 112 32.97 18.11 -19.43
N GLY A 113 32.97 16.80 -19.19
CA GLY A 113 34.03 15.93 -19.73
C GLY A 113 35.26 15.96 -18.86
N ARG A 114 35.79 17.15 -18.55
CA ARG A 114 37.08 17.22 -17.81
C ARG A 114 36.92 16.91 -16.31
N PHE A 115 35.78 17.23 -15.72
CA PHE A 115 35.54 17.06 -14.27
C PHE A 115 34.46 15.99 -14.06
N THR A 116 34.61 15.07 -13.10
CA THR A 116 33.57 14.06 -12.77
C THR A 116 33.27 14.11 -11.27
N ILE A 117 31.98 14.11 -10.84
CA ILE A 117 31.67 14.22 -9.39
C ILE A 117 31.13 12.91 -8.88
N SER A 118 31.71 12.38 -7.79
CA SER A 118 31.20 11.14 -7.18
C SER A 118 30.97 11.33 -5.68
N ARG A 119 30.21 10.43 -5.05
CA ARG A 119 29.91 10.50 -3.60
C ARG A 119 30.12 9.12 -2.97
N ASP A 120 30.82 9.03 -1.83
CA ASP A 120 30.95 7.77 -1.07
C ASP A 120 29.97 7.93 0.09
N ASP A 121 28.75 7.42 -0.05
CA ASP A 121 27.70 7.58 0.99
C ASP A 121 28.14 6.89 2.28
N PRO A 122 28.74 5.69 2.28
CA PRO A 122 29.22 5.08 3.52
C PRO A 122 30.25 5.95 4.26
N LYS A 123 31.17 6.59 3.56
CA LYS A 123 32.24 7.42 4.18
C LYS A 123 31.78 8.87 4.34
N ASN A 124 30.56 9.21 3.88
CA ASN A 124 30.05 10.60 3.94
C ASN A 124 31.10 11.52 3.32
N THR A 125 31.38 11.37 2.01
CA THR A 125 32.43 12.17 1.34
C THR A 125 32.04 12.48 -0.10
N LEU A 126 32.22 13.72 -0.55
CA LEU A 126 31.92 14.11 -1.95
C LEU A 126 33.26 14.33 -2.66
N PHE A 127 33.43 13.84 -3.88
CA PHE A 127 34.72 13.91 -4.60
C PHE A 127 34.50 14.67 -5.89
N LEU A 128 35.46 15.45 -6.35
CA LEU A 128 35.41 16.07 -7.70
C LEU A 128 36.75 15.77 -8.37
N GLN A 129 36.81 14.75 -9.21
CA GLN A 129 38.07 14.41 -9.91
C GLN A 129 38.13 15.34 -11.11
N MET A 130 39.00 16.35 -11.04
CA MET A 130 39.13 17.37 -12.10
C MET A 130 40.35 16.97 -12.92
N THR A 131 40.24 16.92 -14.24
CA THR A 131 41.36 16.55 -15.14
C THR A 131 41.48 17.64 -16.20
N SER A 132 42.58 17.67 -16.95
CA SER A 132 42.80 18.69 -18.01
C SER A 132 42.66 20.08 -17.40
N LEU A 133 43.18 20.28 -16.20
CA LEU A 133 43.00 21.58 -15.50
C LEU A 133 43.49 22.75 -16.35
N ARG A 134 42.70 23.82 -16.43
CA ARG A 134 43.08 25.02 -17.20
C ARG A 134 43.22 26.18 -16.21
N SER A 135 43.85 27.28 -16.61
CA SER A 135 44.05 28.43 -15.70
C SER A 135 42.69 28.98 -15.27
N GLU A 136 41.68 28.88 -16.15
CA GLU A 136 40.32 29.38 -15.84
C GLU A 136 39.78 28.65 -14.61
N ASP A 137 40.19 27.40 -14.40
CA ASP A 137 39.67 26.58 -13.28
C ASP A 137 40.06 27.19 -11.93
N THR A 138 41.08 28.05 -11.86
CA THR A 138 41.52 28.58 -10.54
C THR A 138 40.31 29.21 -9.86
N ALA A 139 40.04 28.84 -8.59
CA ALA A 139 38.83 29.32 -7.87
C ALA A 139 38.77 28.66 -6.51
N MET A 140 37.90 29.14 -5.61
CA MET A 140 37.69 28.44 -4.32
C MET A 140 36.46 27.56 -4.55
N TYR A 141 36.56 26.26 -4.28
CA TYR A 141 35.41 25.36 -4.59
C TYR A 141 34.62 25.11 -3.31
N TYR A 142 33.31 25.39 -3.34
CA TYR A 142 32.44 25.20 -2.15
C TYR A 142 31.51 24.01 -2.37
N CYS A 143 31.48 23.06 -1.45
CA CYS A 143 30.51 21.94 -1.55
C CYS A 143 29.20 22.35 -0.86
N VAL A 144 28.09 22.34 -1.61
CA VAL A 144 26.79 22.81 -1.04
C VAL A 144 25.84 21.63 -0.90
N ARG A 145 25.14 21.52 0.24
CA ARG A 145 24.14 20.44 0.39
C ARG A 145 22.77 20.95 -0.11
N SER A 146 21.96 20.06 -0.66
CA SER A 146 20.63 20.45 -1.18
C SER A 146 19.66 19.29 -1.03
N ILE A 147 18.66 19.43 -0.17
CA ILE A 147 17.63 18.35 -0.08
C ILE A 147 16.40 18.83 -0.85
N TYR A 148 15.76 17.94 -1.60
CA TYR A 148 14.63 18.38 -2.45
C TYR A 148 13.35 17.62 -2.12
N TYR A 149 12.49 18.19 -1.30
CA TYR A 149 11.16 17.60 -1.00
C TYR A 149 10.20 18.78 -0.96
N TYR A 150 8.88 18.55 -1.02
CA TYR A 150 8.02 19.75 -1.00
C TYR A 150 8.31 20.52 0.28
N GLY A 151 8.55 21.82 0.17
CA GLY A 151 8.81 22.64 1.36
C GLY A 151 10.27 22.61 1.80
N SER A 152 11.14 21.99 1.02
CA SER A 152 12.57 21.86 1.43
C SER A 152 13.32 23.14 1.07
N SER A 153 14.40 23.44 1.78
CA SER A 153 15.23 24.60 1.39
C SER A 153 16.51 24.08 0.75
N PRO A 154 16.63 24.09 -0.59
CA PRO A 154 17.86 23.65 -1.25
C PRO A 154 18.98 24.67 -1.02
N PHE A 155 20.24 24.23 -1.11
CA PHE A 155 21.40 25.16 -1.02
C PHE A 155 21.51 25.73 0.40
N ASP A 156 20.91 25.06 1.38
CA ASP A 156 20.90 25.56 2.78
C ASP A 156 22.29 25.68 3.40
N PHE A 157 23.19 24.72 3.21
CA PHE A 157 24.50 24.81 3.91
C PHE A 157 25.66 24.76 2.91
N TRP A 158 26.62 25.67 3.05
CA TRP A 158 27.81 25.72 2.15
C TRP A 158 29.04 25.38 2.97
N GLY A 159 30.02 24.69 2.37
CA GLY A 159 31.27 24.41 3.09
C GLY A 159 32.19 25.61 3.07
N GLN A 160 33.29 25.57 3.82
CA GLN A 160 34.21 26.74 3.91
C GLN A 160 34.86 27.03 2.55
N GLY A 161 35.34 26.01 1.86
CA GLY A 161 35.91 26.23 0.52
C GLY A 161 37.34 25.75 0.39
N THR A 162 37.68 25.12 -0.73
CA THR A 162 39.08 24.70 -0.97
C THR A 162 39.61 25.46 -2.19
N THR A 163 40.77 26.11 -2.05
CA THR A 163 41.33 26.94 -3.14
C THR A 163 42.13 26.10 -4.14
N LEU A 164 41.87 26.26 -5.43
CA LEU A 164 42.66 25.57 -6.47
C LEU A 164 43.39 26.66 -7.27
N THR A 165 44.72 26.60 -7.33
CA THR A 165 45.50 27.59 -8.10
C THR A 165 46.10 26.83 -9.27
N VAL A 166 45.83 27.25 -10.50
CA VAL A 166 46.39 26.60 -11.72
C VAL A 166 47.25 27.65 -12.42
N SER A 167 48.51 27.35 -12.72
CA SER A 167 49.47 28.33 -13.30
C SER A 167 49.28 28.42 -14.82
N SER A 183 21.25 28.81 -24.13
CA SER A 183 19.95 28.49 -23.46
C SER A 183 20.08 28.68 -21.96
N ASP A 184 21.27 29.02 -21.46
CA ASP A 184 21.49 29.26 -20.01
C ASP A 184 20.67 30.48 -19.59
N ILE A 185 19.86 30.36 -18.53
CA ILE A 185 19.09 31.53 -18.04
C ILE A 185 20.16 32.50 -17.53
N VAL A 186 20.03 33.80 -17.80
CA VAL A 186 21.07 34.82 -17.46
C VAL A 186 20.56 35.65 -16.28
N MET A 187 21.33 35.72 -15.20
CA MET A 187 20.97 36.54 -14.00
C MET A 187 21.76 37.84 -14.09
N THR A 188 21.08 38.98 -14.23
CA THR A 188 21.75 40.30 -14.38
C THR A 188 21.59 41.12 -13.11
N GLN A 189 22.60 41.17 -12.23
CA GLN A 189 22.52 42.08 -11.06
C GLN A 189 23.13 43.38 -11.55
N ALA A 190 22.29 44.38 -11.80
CA ALA A 190 22.80 45.63 -12.42
C ALA A 190 23.75 46.37 -11.48
N THR A 191 23.35 46.58 -10.23
CA THR A 191 24.23 47.39 -9.35
C THR A 191 25.34 46.49 -8.83
N SER A 192 26.58 46.73 -9.23
CA SER A 192 27.70 45.92 -8.68
C SER A 192 27.90 46.28 -7.21
N SER A 193 27.74 47.57 -6.88
CA SER A 193 27.92 48.03 -5.47
C SER A 193 26.81 49.00 -5.09
N VAL A 194 26.52 49.09 -3.79
CA VAL A 194 25.46 50.01 -3.26
C VAL A 194 25.98 50.46 -1.90
N PRO A 195 26.41 51.75 -1.70
CA PRO A 195 26.85 52.21 -0.39
C PRO A 195 25.65 52.23 0.56
N VAL A 196 25.82 51.89 1.83
CA VAL A 196 24.68 51.84 2.78
C VAL A 196 25.19 52.16 4.18
N THR A 197 24.39 52.81 5.02
CA THR A 197 24.76 53.04 6.44
C THR A 197 23.72 52.31 7.28
N PRO A 198 24.02 51.83 8.51
CA PRO A 198 23.05 51.04 9.27
C PRO A 198 21.70 51.73 9.49
N GLY A 199 20.61 50.96 9.60
CA GLY A 199 19.26 51.50 9.88
C GLY A 199 18.53 51.93 8.61
N GLU A 200 19.12 51.72 7.44
CA GLU A 200 18.50 52.08 6.13
C GLU A 200 17.89 50.80 5.54
N SER A 201 17.07 50.91 4.49
CA SER A 201 16.53 49.72 3.79
C SER A 201 17.07 49.79 2.36
N VAL A 202 17.75 48.74 1.90
CA VAL A 202 18.29 48.68 0.51
C VAL A 202 17.38 47.73 -0.25
N SER A 203 17.43 47.75 -1.58
CA SER A 203 16.66 46.77 -2.40
C SER A 203 17.54 46.19 -3.50
N ILE A 204 18.40 45.23 -3.14
CA ILE A 204 19.24 44.58 -4.19
C ILE A 204 18.28 43.91 -5.16
N SER A 205 18.46 44.14 -6.46
CA SER A 205 17.52 43.61 -7.47
C SER A 205 18.25 42.72 -8.47
N CYS A 206 17.58 41.68 -8.94
CA CYS A 206 18.16 40.77 -9.94
C CYS A 206 17.16 40.71 -11.10
N ARG A 207 17.63 40.51 -12.33
CA ARG A 207 16.71 40.37 -13.48
C ARG A 207 16.99 39.01 -14.11
N SER A 208 16.07 38.42 -14.86
CA SER A 208 16.24 37.05 -15.44
C SER A 208 15.85 37.03 -16.91
N SER A 209 16.61 36.34 -17.75
CA SER A 209 16.32 36.26 -19.21
C SER A 209 14.95 35.61 -19.40
N LYS A 210 14.61 34.58 -18.61
CA LYS A 210 13.33 33.84 -18.76
C LYS A 210 12.55 33.98 -17.44
N SER A 211 11.25 33.75 -17.45
CA SER A 211 10.44 33.81 -16.21
C SER A 211 10.79 32.58 -15.36
N LEU A 212 11.36 32.79 -14.17
CA LEU A 212 11.73 31.69 -13.24
C LEU A 212 10.45 31.06 -12.68
N LEU A 213 9.30 31.72 -12.79
CA LEU A 213 8.01 31.15 -12.32
C LEU A 213 7.63 29.94 -13.16
N HIS A 214 7.54 28.77 -12.55
CA HIS A 214 7.09 27.55 -13.27
C HIS A 214 5.57 27.48 -13.22
N SER A 215 4.99 26.51 -13.93
CA SER A 215 3.53 26.31 -13.94
C SER A 215 3.06 25.96 -12.52
N ASN A 216 3.88 25.20 -11.79
CA ASN A 216 3.63 24.77 -10.39
C ASN A 216 3.27 25.95 -9.50
N GLY A 217 3.72 27.15 -9.85
CA GLY A 217 3.47 28.34 -9.02
C GLY A 217 4.68 28.67 -8.19
N ASN A 218 5.78 27.96 -8.42
CA ASN A 218 7.03 28.19 -7.66
C ASN A 218 7.95 29.05 -8.51
N THR A 219 8.53 30.10 -7.92
CA THR A 219 9.54 30.92 -8.64
C THR A 219 10.91 30.49 -8.12
N TYR A 220 11.66 29.72 -8.88
CA TYR A 220 12.94 29.15 -8.40
C TYR A 220 14.05 30.22 -8.44
N LEU A 221 13.99 31.21 -7.55
CA LEU A 221 15.06 32.24 -7.45
C LEU A 221 15.56 32.22 -6.01
N TYR A 222 16.87 32.20 -5.82
CA TYR A 222 17.42 32.07 -4.45
C TYR A 222 18.36 33.23 -4.17
N TRP A 223 18.37 33.77 -2.95
CA TRP A 223 19.36 34.82 -2.61
C TRP A 223 20.39 34.24 -1.65
N PHE A 224 21.66 34.58 -1.84
CA PHE A 224 22.75 34.09 -0.95
C PHE A 224 23.64 35.27 -0.54
N LEU A 225 24.10 35.35 0.72
CA LEU A 225 24.98 36.45 1.19
C LEU A 225 26.35 35.90 1.58
N GLN A 226 27.40 36.26 0.85
CA GLN A 226 28.77 35.86 1.22
C GLN A 226 29.33 37.04 1.99
N ARG A 227 29.19 37.01 3.32
CA ARG A 227 29.79 38.05 4.18
C ARG A 227 31.28 38.04 3.85
N PRO A 228 32.07 39.13 4.06
CA PRO A 228 33.48 39.11 3.70
C PRO A 228 34.25 37.97 4.37
N GLY A 229 34.99 37.18 3.59
CA GLY A 229 35.81 36.08 4.13
C GLY A 229 34.97 34.91 4.60
N GLN A 230 33.73 34.80 4.17
CA GLN A 230 32.86 33.72 4.71
C GLN A 230 32.23 32.95 3.55
N SER A 231 31.76 31.74 3.82
CA SER A 231 31.05 30.96 2.77
C SER A 231 29.69 31.62 2.51
N PRO A 232 29.13 31.53 1.29
CA PRO A 232 27.80 32.07 1.03
C PRO A 232 26.73 31.40 1.89
N GLN A 233 25.74 32.18 2.35
CA GLN A 233 24.67 31.63 3.22
C GLN A 233 23.28 31.87 2.63
N LEU A 234 22.42 30.87 2.55
CA LEU A 234 21.07 31.03 1.97
C LEU A 234 20.30 32.06 2.81
N LEU A 235 19.73 33.08 2.16
CA LEU A 235 18.90 34.08 2.85
C LEU A 235 17.45 33.84 2.46
N ILE A 236 17.17 33.78 1.16
CA ILE A 236 15.77 33.61 0.68
C ILE A 236 15.76 32.43 -0.31
N TYR A 237 14.77 31.55 -0.19
CA TYR A 237 14.65 30.40 -1.14
C TYR A 237 13.31 30.47 -1.87
N ARG A 238 13.31 30.05 -3.14
CA ARG A 238 12.06 30.04 -3.94
C ARG A 238 11.42 31.44 -3.97
N MET A 239 12.22 32.49 -4.17
CA MET A 239 11.71 33.88 -4.35
C MET A 239 11.25 34.54 -3.05
N SER A 240 10.34 33.92 -2.30
CA SER A 240 9.81 34.64 -1.11
C SER A 240 10.16 33.94 0.20
N ASN A 241 10.22 32.62 0.21
CA ASN A 241 10.47 31.89 1.49
C ASN A 241 11.80 32.34 2.08
N LEU A 242 11.84 32.58 3.39
CA LEU A 242 13.08 33.04 4.07
C LEU A 242 13.71 31.82 4.73
N ALA A 243 15.03 31.64 4.58
CA ALA A 243 15.64 30.41 5.11
C ALA A 243 15.63 30.46 6.63
N SER A 244 15.82 29.29 7.25
CA SER A 244 15.81 29.19 8.73
C SER A 244 17.10 29.76 9.29
N GLY A 245 17.02 30.39 10.46
CA GLY A 245 18.21 31.02 11.06
C GLY A 245 18.45 32.35 10.39
N VAL A 246 17.55 32.74 9.49
CA VAL A 246 17.76 34.01 8.75
C VAL A 246 16.92 35.13 9.39
N PRO A 247 17.49 36.30 9.79
CA PRO A 247 16.71 37.35 10.45
C PRO A 247 15.48 37.79 9.64
N ASP A 248 14.46 38.32 10.32
CA ASP A 248 13.19 38.69 9.65
C ASP A 248 13.37 39.93 8.75
N ARG A 249 14.43 40.72 8.96
CA ARG A 249 14.65 41.97 8.16
C ARG A 249 14.61 41.67 6.67
N PHE A 250 15.20 40.56 6.20
CA PHE A 250 15.27 40.24 4.76
C PHE A 250 13.88 39.89 4.21
N SER A 251 13.62 40.19 2.93
CA SER A 251 12.32 39.87 2.29
C SER A 251 12.52 39.72 0.78
N GLY A 252 11.81 38.77 0.15
CA GLY A 252 11.97 38.55 -1.28
C GLY A 252 10.71 38.88 -2.06
N SER A 253 10.80 39.80 -3.02
CA SER A 253 9.63 40.19 -3.84
C SER A 253 9.98 39.99 -5.32
N GLY A 254 9.11 39.32 -6.08
CA GLY A 254 9.46 39.03 -7.49
C GLY A 254 8.28 39.14 -8.43
N SER A 255 8.55 39.23 -9.73
CA SER A 255 7.48 39.32 -10.76
C SER A 255 7.75 38.32 -11.89
N GLY A 256 7.99 37.05 -11.58
CA GLY A 256 8.32 36.10 -12.65
C GLY A 256 9.72 36.31 -13.24
N THR A 257 10.03 37.47 -13.83
CA THR A 257 11.33 37.72 -14.49
C THR A 257 12.19 38.68 -13.66
N ALA A 258 11.60 39.56 -12.84
CA ALA A 258 12.40 40.58 -12.13
C ALA A 258 12.19 40.40 -10.62
N PHE A 259 13.26 40.41 -9.84
CA PHE A 259 13.15 40.10 -8.39
C PHE A 259 13.89 41.15 -7.57
N THR A 260 13.54 41.29 -6.30
CA THR A 260 14.18 42.31 -5.43
C THR A 260 14.27 41.79 -4.00
N LEU A 261 15.45 41.92 -3.37
CA LEU A 261 15.62 41.52 -1.95
C LEU A 261 15.67 42.80 -1.13
N THR A 262 14.77 42.93 -0.16
CA THR A 262 14.66 44.17 0.64
C THR A 262 15.24 43.94 2.03
N ILE A 263 16.37 44.55 2.36
CA ILE A 263 17.03 44.38 3.68
C ILE A 263 16.70 45.60 4.52
N SER A 264 15.70 45.50 5.40
CA SER A 264 15.26 46.62 6.27
C SER A 264 16.17 46.73 7.48
N ARG A 265 16.33 47.93 8.06
CA ARG A 265 17.14 48.11 9.29
C ARG A 265 18.48 47.41 9.08
N LEU A 266 19.20 47.74 8.00
CA LEU A 266 20.44 47.02 7.66
C LEU A 266 21.39 47.09 8.85
N GLU A 267 22.04 45.98 9.19
CA GLU A 267 23.01 45.92 10.32
C GLU A 267 24.41 45.74 9.78
N ALA A 268 25.44 45.87 10.63
CA ALA A 268 26.85 45.66 10.21
C ALA A 268 27.07 44.20 9.79
N GLU A 269 26.22 43.28 10.25
CA GLU A 269 26.30 41.86 9.82
C GLU A 269 25.97 41.76 8.32
N ASP A 270 25.04 42.59 7.83
CA ASP A 270 24.54 42.48 6.44
C ASP A 270 25.60 42.79 5.37
N VAL A 271 26.72 43.44 5.73
CA VAL A 271 27.70 43.83 4.67
C VAL A 271 28.17 42.58 3.93
N GLY A 272 28.31 42.68 2.60
CA GLY A 272 28.76 41.53 1.81
C GLY A 272 28.19 41.56 0.41
N VAL A 273 28.48 40.53 -0.37
CA VAL A 273 27.97 40.45 -1.77
C VAL A 273 26.70 39.61 -1.76
N TYR A 274 25.70 40.02 -2.54
CA TYR A 274 24.40 39.31 -2.58
C TYR A 274 24.25 38.69 -3.96
N TYR A 275 24.10 37.37 -3.99
CA TYR A 275 24.03 36.66 -5.25
C TYR A 275 22.62 36.14 -5.45
N CYS A 276 22.06 36.37 -6.64
CA CYS A 276 20.79 35.78 -7.03
C CYS A 276 21.07 34.57 -7.90
N MET A 277 20.45 33.45 -7.59
CA MET A 277 20.66 32.22 -8.38
C MET A 277 19.33 31.70 -8.86
N GLN A 278 19.30 31.06 -10.01
CA GLN A 278 18.08 30.42 -10.48
C GLN A 278 18.22 28.91 -10.30
N HIS A 279 17.13 28.22 -10.02
CA HIS A 279 17.16 26.74 -9.94
C HIS A 279 16.09 26.19 -10.88
N LEU A 280 15.46 27.05 -11.70
CA LEU A 280 14.38 26.64 -12.63
C LEU A 280 14.87 25.49 -13.48
N GLU A 281 16.12 25.56 -13.94
CA GLU A 281 16.72 24.45 -14.74
C GLU A 281 18.24 24.47 -14.65
N TYR A 282 18.90 23.47 -15.23
CA TYR A 282 20.38 23.38 -15.18
C TYR A 282 20.92 23.58 -16.59
N PRO A 283 21.98 24.38 -16.79
CA PRO A 283 22.88 24.80 -15.71
C PRO A 283 22.32 25.87 -14.76
N LEU A 284 22.55 25.69 -13.46
CA LEU A 284 22.11 26.73 -12.49
C LEU A 284 22.98 27.97 -12.73
N THR A 285 22.38 29.16 -12.71
CA THR A 285 23.17 30.36 -13.05
C THR A 285 23.06 31.39 -11.94
N PHE A 286 24.19 31.93 -11.49
CA PHE A 286 24.22 32.97 -10.44
C PHE A 286 24.40 34.33 -11.10
N GLY A 287 24.11 35.40 -10.37
CA GLY A 287 24.35 36.75 -10.87
C GLY A 287 25.76 37.16 -10.57
N ALA A 288 26.15 38.35 -11.00
CA ALA A 288 27.50 38.89 -10.75
C ALA A 288 27.65 39.18 -9.27
N GLY A 289 26.58 39.64 -8.65
CA GLY A 289 26.63 39.98 -7.22
C GLY A 289 26.51 41.48 -7.00
N THR A 290 25.99 41.86 -5.85
CA THR A 290 25.86 43.28 -5.49
C THR A 290 26.46 43.50 -4.11
N LYS A 291 27.59 44.18 -4.03
CA LYS A 291 28.22 44.47 -2.72
C LYS A 291 27.43 45.54 -1.96
N LEU A 292 27.39 45.41 -0.64
CA LEU A 292 26.76 46.43 0.25
C LEU A 292 27.87 46.83 1.24
N GLU A 293 28.41 48.05 1.12
CA GLU A 293 29.57 48.47 1.95
C GLU A 293 29.08 49.46 3.02
N LEU A 294 29.58 49.38 4.26
CA LEU A 294 29.12 50.26 5.37
C LEU A 294 29.85 51.61 5.29
N ARG B 22 -27.79 8.05 48.11
CA ARG B 22 -26.74 7.61 47.14
C ARG B 22 -27.39 7.43 45.77
N GLN B 23 -28.72 7.52 45.71
CA GLN B 23 -29.46 7.37 44.44
C GLN B 23 -29.93 8.74 43.96
N GLU B 24 -29.37 9.81 44.52
CA GLU B 24 -29.70 11.18 44.05
C GLU B 24 -29.20 11.27 42.62
N ALA B 25 -28.24 10.42 42.27
CA ALA B 25 -27.64 10.44 40.92
C ALA B 25 -28.76 10.09 39.93
N GLU B 26 -29.63 9.14 40.28
CA GLU B 26 -30.78 8.80 39.39
C GLU B 26 -31.73 10.00 39.32
N GLN B 27 -31.92 10.71 40.44
CA GLN B 27 -32.79 11.92 40.43
C GLN B 27 -32.17 12.98 39.51
N LEU B 28 -30.85 13.17 39.61
CA LEU B 28 -30.15 14.15 38.73
C LEU B 28 -30.28 13.68 37.29
N LYS B 29 -30.17 12.38 37.04
CA LYS B 29 -30.22 11.84 35.66
C LYS B 29 -31.56 12.16 34.98
N ASN B 30 -32.68 11.95 35.68
CA ASN B 30 -34.00 12.31 35.11
C ASN B 30 -34.13 13.84 34.97
N GLN B 31 -33.52 14.59 35.89
CA GLN B 31 -33.59 16.07 35.86
C GLN B 31 -32.91 16.52 34.55
N ILE B 32 -31.75 15.93 34.24
CA ILE B 32 -31.05 16.26 32.97
C ILE B 32 -31.94 15.86 31.79
N ARG B 33 -32.57 14.68 31.86
CA ARG B 33 -33.42 14.18 30.75
C ARG B 33 -34.61 15.12 30.53
N ASP B 34 -35.24 15.60 31.61
CA ASP B 34 -36.46 16.43 31.45
C ASP B 34 -36.07 17.83 30.96
N ALA B 35 -34.87 18.29 31.33
CA ALA B 35 -34.39 19.60 30.83
C ALA B 35 -34.14 19.50 29.33
N ARG B 36 -33.54 18.40 28.86
CA ARG B 36 -33.35 18.21 27.40
C ARG B 36 -34.71 18.07 26.72
N LYS B 37 -35.66 17.37 27.36
CA LYS B 37 -36.97 17.12 26.70
C LYS B 37 -37.69 18.44 26.44
N ALA B 38 -37.67 19.36 27.41
CA ALA B 38 -38.34 20.67 27.25
C ALA B 38 -37.69 21.45 26.11
N CYS B 39 -36.35 21.41 26.03
CA CYS B 39 -35.60 22.18 25.00
C CYS B 39 -35.91 21.68 23.59
N ALA B 40 -36.14 20.37 23.41
CA ALA B 40 -36.34 19.83 22.04
C ALA B 40 -37.77 20.09 21.58
N ASP B 41 -38.13 21.36 21.35
CA ASP B 41 -39.49 21.69 20.86
C ASP B 41 -39.69 21.13 19.45
N ALA B 42 -38.71 21.28 18.57
CA ALA B 42 -38.85 20.79 17.17
C ALA B 42 -37.69 19.86 16.80
N THR B 43 -37.78 19.18 15.66
CA THR B 43 -36.65 18.33 15.18
C THR B 43 -35.89 19.11 14.12
N LEU B 44 -34.59 18.86 13.98
CA LEU B 44 -33.75 19.51 12.93
C LEU B 44 -34.39 19.25 11.58
N SER B 45 -35.01 18.09 11.37
CA SER B 45 -35.62 17.68 10.09
C SER B 45 -36.88 18.48 9.69
N GLN B 46 -37.74 18.85 10.64
CA GLN B 46 -38.92 19.70 10.34
C GLN B 46 -38.39 21.11 10.03
N ILE B 47 -37.37 21.56 10.77
CA ILE B 47 -36.81 22.92 10.54
C ILE B 47 -36.23 22.98 9.12
N THR B 48 -35.56 21.91 8.68
CA THR B 48 -34.89 21.96 7.35
C THR B 48 -35.72 21.25 6.28
N ASN B 49 -37.00 20.98 6.56
CA ASN B 49 -37.84 20.24 5.60
C ASN B 49 -38.06 21.07 4.33
N ASN B 50 -38.04 22.39 4.44
CA ASN B 50 -38.21 23.29 3.27
C ASN B 50 -36.88 23.49 2.51
N ILE B 51 -35.74 23.34 3.21
CA ILE B 51 -34.42 23.44 2.54
C ILE B 51 -34.42 22.43 1.38
N ASP B 52 -33.97 22.87 0.21
CA ASP B 52 -33.94 21.98 -0.99
C ASP B 52 -32.69 21.11 -0.87
N PRO B 53 -32.76 19.78 -1.17
CA PRO B 53 -31.64 18.89 -0.88
C PRO B 53 -30.35 19.25 -1.65
N VAL B 54 -29.26 18.53 -1.37
CA VAL B 54 -27.95 18.85 -1.99
C VAL B 54 -27.88 18.24 -3.39
N GLY B 55 -28.59 17.13 -3.61
CA GLY B 55 -28.55 16.45 -4.91
C GLY B 55 -27.48 15.39 -4.85
N ARG B 56 -27.59 14.35 -5.65
CA ARG B 56 -26.57 13.29 -5.66
C ARG B 56 -25.20 13.94 -5.77
N ILE B 57 -24.25 13.51 -4.94
CA ILE B 57 -22.87 14.07 -4.96
C ILE B 57 -22.00 12.97 -5.56
N GLN B 58 -21.51 13.19 -6.77
CA GLN B 58 -20.60 12.19 -7.37
C GLN B 58 -19.16 12.67 -7.19
N MET B 59 -18.36 11.94 -6.43
CA MET B 59 -16.94 12.29 -6.23
C MET B 59 -16.15 11.12 -6.81
N ARG B 60 -15.40 11.35 -7.87
CA ARG B 60 -14.49 10.32 -8.44
C ARG B 60 -13.15 10.34 -7.70
N THR B 61 -12.47 9.21 -7.61
CA THR B 61 -11.12 9.22 -7.01
C THR B 61 -10.23 10.07 -7.90
N ARG B 62 -9.49 11.03 -7.33
CA ARG B 62 -8.54 11.82 -8.14
C ARG B 62 -7.14 11.25 -7.97
N ARG B 63 -6.79 10.78 -6.78
CA ARG B 63 -5.40 10.30 -6.60
C ARG B 63 -5.44 8.98 -5.84
N THR B 64 -4.55 8.03 -6.14
CA THR B 64 -4.42 6.77 -5.35
C THR B 64 -2.97 6.72 -4.88
N LEU B 65 -2.74 6.69 -3.56
CA LEU B 65 -1.38 6.72 -2.98
C LEU B 65 -1.04 5.29 -2.59
N ARG B 66 -0.09 4.64 -3.27
CA ARG B 66 0.17 3.19 -2.98
C ARG B 66 1.54 2.98 -2.33
N GLY B 67 1.73 3.37 -1.07
CA GLY B 67 3.08 3.23 -0.48
C GLY B 67 3.12 2.34 0.74
N HIS B 68 1.98 1.99 1.32
CA HIS B 68 1.97 1.21 2.59
C HIS B 68 1.87 -0.29 2.32
N LEU B 69 2.68 -1.08 3.02
CA LEU B 69 2.66 -2.57 2.85
C LEU B 69 1.44 -3.15 3.57
N ALA B 70 1.09 -2.63 4.75
CA ALA B 70 -0.01 -3.24 5.54
C ALA B 70 -1.25 -2.34 5.58
N LYS B 71 -2.28 -2.77 6.33
CA LYS B 71 -3.56 -2.04 6.40
C LYS B 71 -3.32 -0.63 6.92
N ILE B 72 -3.98 0.40 6.42
CA ILE B 72 -3.88 1.77 6.88
C ILE B 72 -4.90 2.01 7.98
N TYR B 73 -4.44 2.47 9.14
CA TYR B 73 -5.33 2.71 10.27
C TYR B 73 -5.66 4.18 10.51
N ALA B 74 -4.76 5.08 10.10
CA ALA B 74 -5.01 6.50 10.43
C ALA B 74 -4.40 7.43 9.38
N MET B 75 -5.05 8.55 9.11
CA MET B 75 -4.48 9.58 8.19
C MET B 75 -4.84 10.95 8.75
N HIS B 76 -3.98 11.94 8.56
CA HIS B 76 -4.34 13.32 8.99
C HIS B 76 -3.91 14.31 7.91
N TRP B 77 -4.68 15.38 7.73
CA TRP B 77 -4.40 16.36 6.65
C TRP B 77 -3.60 17.53 7.23
N GLY B 78 -2.61 18.03 6.49
CA GLY B 78 -1.86 19.22 6.93
C GLY B 78 -2.70 20.47 6.74
N THR B 79 -2.35 21.56 7.41
CA THR B 79 -3.08 22.85 7.24
C THR B 79 -2.98 23.28 5.78
N ASP B 80 -1.83 23.03 5.14
CA ASP B 80 -1.62 23.40 3.73
C ASP B 80 -2.63 22.68 2.83
N SER B 81 -3.09 21.49 3.25
CA SER B 81 -4.07 20.69 2.46
C SER B 81 -3.39 20.10 1.22
N ARG B 82 -2.07 19.89 1.31
CA ARG B 82 -1.31 19.27 0.22
C ARG B 82 -0.54 18.09 0.83
N LEU B 83 -0.14 18.21 2.09
CA LEU B 83 0.63 17.13 2.74
C LEU B 83 -0.31 16.33 3.64
N LEU B 84 -0.10 15.02 3.75
CA LEU B 84 -0.97 14.15 4.57
C LEU B 84 -0.12 13.00 5.10
N VAL B 85 -0.28 12.68 6.39
CA VAL B 85 0.55 11.62 7.01
C VAL B 85 -0.32 10.37 7.17
N SER B 86 0.19 9.20 6.79
CA SER B 86 -0.60 7.94 6.84
C SER B 86 0.08 6.96 7.79
N ALA B 87 -0.70 6.20 8.56
CA ALA B 87 -0.13 5.17 9.45
C ALA B 87 -0.48 3.78 8.90
N SER B 88 0.40 2.77 9.04
CA SER B 88 0.14 1.39 8.57
C SER B 88 0.52 0.39 9.66
N GLN B 89 -0.09 -0.79 9.67
CA GLN B 89 0.24 -1.85 10.67
C GLN B 89 1.59 -2.48 10.33
N ASP B 90 2.27 -2.10 9.23
CA ASP B 90 3.63 -2.60 8.90
C ASP B 90 4.64 -1.86 9.77
N GLY B 91 4.24 -0.69 10.29
CA GLY B 91 5.14 0.10 11.16
C GLY B 91 5.81 1.25 10.42
N LYS B 92 5.08 1.94 9.56
CA LYS B 92 5.68 3.13 8.88
C LYS B 92 4.69 4.29 8.78
N LEU B 93 5.18 5.53 8.86
CA LEU B 93 4.33 6.72 8.64
C LEU B 93 4.85 7.33 7.34
N ILE B 94 4.02 7.58 6.34
CA ILE B 94 4.58 8.24 5.13
C ILE B 94 3.87 9.57 4.88
N ILE B 95 4.64 10.65 4.70
CA ILE B 95 4.03 11.97 4.36
C ILE B 95 3.90 12.01 2.83
N TRP B 96 2.72 12.38 2.34
CA TRP B 96 2.46 12.34 0.86
C TRP B 96 2.19 13.75 0.32
N ASP B 97 2.82 14.09 -0.81
CA ASP B 97 2.43 15.37 -1.47
C ASP B 97 1.22 14.98 -2.31
N SER B 98 0.02 15.11 -1.77
CA SER B 98 -1.18 14.62 -2.49
C SER B 98 -1.23 15.15 -3.92
N TYR B 99 -0.85 16.41 -4.12
CA TYR B 99 -0.99 17.00 -5.48
C TYR B 99 -0.14 16.21 -6.48
N THR B 100 1.08 15.85 -6.12
CA THR B 100 2.00 15.19 -7.09
C THR B 100 2.11 13.70 -6.81
N THR B 101 1.48 13.19 -5.75
CA THR B 101 1.55 11.76 -5.36
C THR B 101 2.99 11.35 -5.05
N ASN B 102 3.83 12.30 -4.62
CA ASN B 102 5.23 11.97 -4.27
C ASN B 102 5.28 11.65 -2.78
N LYS B 103 6.23 10.82 -2.35
CA LYS B 103 6.37 10.53 -0.91
C LYS B 103 7.39 11.49 -0.32
N VAL B 104 6.94 12.51 0.42
CA VAL B 104 7.89 13.53 0.97
C VAL B 104 8.81 12.90 2.00
N HIS B 105 8.28 12.08 2.91
CA HIS B 105 9.10 11.47 3.99
C HIS B 105 8.54 10.10 4.35
N ALA B 106 9.39 9.16 4.75
CA ALA B 106 8.90 7.85 5.24
C ALA B 106 9.53 7.65 6.61
N ILE B 107 8.70 7.51 7.65
CA ILE B 107 9.25 7.43 9.03
C ILE B 107 9.16 5.98 9.53
N PRO B 108 10.28 5.25 9.78
CA PRO B 108 10.17 3.92 10.37
C PRO B 108 9.74 4.11 11.82
N LEU B 109 8.84 3.27 12.34
CA LEU B 109 8.27 3.42 13.72
C LEU B 109 8.72 2.23 14.58
N ARG B 110 9.00 2.46 15.86
CA ARG B 110 9.52 1.40 16.77
C ARG B 110 8.49 0.27 16.93
N SER B 111 7.20 0.59 17.05
CA SER B 111 6.11 -0.41 17.23
C SER B 111 5.38 -0.64 15.90
N SER B 112 5.24 -1.88 15.45
CA SER B 112 4.54 -2.21 14.18
C SER B 112 3.08 -1.79 14.28
N TRP B 113 2.51 -1.79 15.49
CA TRP B 113 1.06 -1.51 15.69
C TRP B 113 0.87 -0.03 15.98
N VAL B 114 0.40 0.75 15.00
CA VAL B 114 0.17 2.22 15.13
C VAL B 114 -1.28 2.47 14.75
N MET B 115 -2.14 2.77 15.71
CA MET B 115 -3.59 2.95 15.49
C MET B 115 -3.94 4.41 15.21
N THR B 116 -3.08 5.37 15.54
CA THR B 116 -3.43 6.77 15.19
C THR B 116 -2.23 7.51 14.62
N CYS B 117 -2.50 8.62 13.92
CA CYS B 117 -1.42 9.47 13.40
C CYS B 117 -1.95 10.91 13.37
N ALA B 118 -1.21 11.88 13.88
CA ALA B 118 -1.65 13.29 13.80
C ALA B 118 -0.63 14.13 13.05
N TYR B 119 -1.08 15.24 12.50
CA TYR B 119 -0.21 16.18 11.81
C TYR B 119 -0.30 17.51 12.54
N ALA B 120 0.82 18.08 12.99
CA ALA B 120 0.83 19.38 13.69
C ALA B 120 0.26 20.50 12.80
N PRO B 121 -0.46 21.51 13.36
CA PRO B 121 -0.99 22.57 12.53
C PRO B 121 0.17 23.30 11.85
N SER B 122 1.28 23.50 12.56
CA SER B 122 2.48 24.16 11.98
C SER B 122 3.05 23.33 10.83
N GLY B 123 3.04 22.01 10.96
CA GLY B 123 3.65 21.12 9.95
C GLY B 123 5.04 20.73 10.37
N ASN B 124 5.50 21.28 11.51
CA ASN B 124 6.87 20.99 12.00
C ASN B 124 6.93 19.58 12.58
N TYR B 125 5.82 19.09 13.15
CA TYR B 125 5.88 17.75 13.80
C TYR B 125 4.70 16.87 13.41
N VAL B 126 4.85 15.54 13.55
CA VAL B 126 3.72 14.60 13.34
C VAL B 126 3.74 13.67 14.57
N ALA B 127 2.62 13.04 14.88
CA ALA B 127 2.62 12.11 16.02
C ALA B 127 1.99 10.83 15.55
N CYS B 128 2.19 9.71 16.25
CA CYS B 128 1.61 8.38 15.95
C CYS B 128 1.46 7.66 17.28
N GLY B 129 0.53 6.72 17.43
CA GLY B 129 0.45 5.92 18.66
C GLY B 129 -0.31 4.65 18.35
N GLY B 130 -0.11 3.62 19.17
CA GLY B 130 -0.89 2.38 19.00
C GLY B 130 -0.84 1.51 20.24
N LEU B 131 -0.71 0.21 20.05
CA LEU B 131 -0.71 -0.77 21.16
C LEU B 131 0.55 -0.55 22.00
N ASP B 132 1.47 0.27 21.51
CA ASP B 132 2.70 0.61 22.27
C ASP B 132 2.29 1.29 23.57
N ASN B 133 1.21 2.08 23.55
CA ASN B 133 0.73 2.83 24.74
C ASN B 133 1.57 4.09 24.88
N ILE B 134 2.33 4.47 23.83
CA ILE B 134 3.23 5.68 23.85
C ILE B 134 2.89 6.58 22.65
N CYS B 135 2.74 7.90 22.83
CA CYS B 135 2.52 8.86 21.72
C CYS B 135 3.87 9.46 21.27
N SER B 136 4.40 9.08 20.11
CA SER B 136 5.74 9.56 19.71
C SER B 136 5.60 10.76 18.79
N ILE B 137 6.22 11.89 19.14
CA ILE B 137 6.16 13.12 18.31
C ILE B 137 7.42 13.14 17.46
N TYR B 138 7.35 13.38 16.15
CA TYR B 138 8.51 13.30 15.24
C TYR B 138 8.82 14.67 14.66
N ASN B 139 10.05 15.17 14.80
CA ASN B 139 10.42 16.51 14.28
C ASN B 139 10.71 16.36 12.79
N LEU B 140 9.77 16.79 11.95
CA LEU B 140 9.96 16.69 10.49
C LEU B 140 11.09 17.63 10.05
N LYS B 141 11.21 18.80 10.68
CA LYS B 141 12.19 19.80 10.19
C LYS B 141 13.45 19.87 11.04
N THR B 142 14.28 18.83 11.04
CA THR B 142 15.59 18.89 11.74
C THR B 142 16.67 19.41 10.79
N ARG B 143 17.75 19.98 11.31
CA ARG B 143 18.87 20.47 10.46
C ARG B 143 19.60 19.27 9.86
N GLU B 144 19.58 18.13 10.55
CA GLU B 144 20.30 16.91 10.08
C GLU B 144 19.61 16.36 8.84
N GLY B 145 18.34 16.67 8.64
CA GLY B 145 17.63 16.25 7.42
C GLY B 145 16.97 14.90 7.58
N ASN B 146 17.09 14.29 8.76
CA ASN B 146 16.39 13.02 9.03
C ASN B 146 15.15 13.34 9.88
N VAL B 147 14.14 12.47 9.87
CA VAL B 147 12.99 12.71 10.79
C VAL B 147 13.34 11.99 12.09
N ARG B 148 13.36 12.70 13.20
CA ARG B 148 13.80 12.09 14.48
C ARG B 148 12.66 12.23 15.49
N VAL B 149 12.59 11.34 16.47
CA VAL B 149 11.47 11.40 17.44
C VAL B 149 11.80 12.48 18.46
N SER B 150 11.07 13.59 18.42
CA SER B 150 11.36 14.72 19.35
C SER B 150 11.10 14.29 20.79
N ARG B 151 9.98 13.60 21.03
CA ARG B 151 9.63 13.20 22.42
C ARG B 151 8.78 11.94 22.40
N GLU B 152 8.88 11.11 23.44
CA GLU B 152 7.99 9.94 23.57
C GLU B 152 7.14 10.17 24.81
N LEU B 153 5.82 10.07 24.71
CA LEU B 153 4.95 10.40 25.86
C LEU B 153 4.45 9.10 26.49
N ALA B 154 4.74 8.89 27.77
CA ALA B 154 4.36 7.63 28.45
C ALA B 154 3.46 7.93 29.66
N GLY B 155 2.46 7.07 29.90
CA GLY B 155 1.52 7.28 31.01
C GLY B 155 0.19 6.62 30.74
N HIS B 156 -0.17 6.45 29.45
CA HIS B 156 -1.42 5.74 29.09
C HIS B 156 -1.25 4.25 29.37
N THR B 157 -2.13 3.67 30.19
CA THR B 157 -2.01 2.25 30.58
C THR B 157 -2.78 1.42 29.55
N GLY B 158 -3.22 2.04 28.47
CA GLY B 158 -3.92 1.33 27.39
C GLY B 158 -3.52 1.93 26.06
N TYR B 159 -3.89 1.29 24.97
CA TYR B 159 -3.47 1.75 23.63
C TYR B 159 -3.90 3.19 23.45
N LEU B 160 -3.12 3.97 22.69
CA LEU B 160 -3.49 5.38 22.41
C LEU B 160 -4.32 5.36 21.13
N SER B 161 -5.64 5.46 21.26
CA SER B 161 -6.55 5.39 20.09
C SER B 161 -6.43 6.61 19.17
N CYS B 162 -6.29 7.81 19.74
CA CYS B 162 -6.23 9.04 18.91
C CYS B 162 -5.30 10.07 19.54
N CYS B 163 -4.74 11.00 18.73
CA CYS B 163 -3.96 12.12 19.31
C CYS B 163 -4.11 13.30 18.36
N ARG B 164 -4.31 14.51 18.89
CA ARG B 164 -4.40 15.71 18.02
C ARG B 164 -3.59 16.83 18.68
N PHE B 165 -2.82 17.57 17.89
CA PHE B 165 -1.94 18.62 18.47
C PHE B 165 -2.69 19.94 18.56
N LEU B 166 -2.89 20.45 19.78
CA LEU B 166 -3.49 21.82 19.90
C LEU B 166 -2.45 22.78 19.33
N ASP B 167 -1.18 22.56 19.66
CA ASP B 167 -0.07 23.40 19.12
C ASP B 167 1.19 22.53 19.11
N ASP B 168 2.35 23.13 18.84
CA ASP B 168 3.59 22.35 18.72
C ASP B 168 4.04 21.83 20.08
N ASN B 169 3.47 22.34 21.18
CA ASN B 169 3.96 21.95 22.53
C ASN B 169 2.83 21.31 23.34
N GLN B 170 1.66 21.17 22.75
CA GLN B 170 0.49 20.56 23.44
C GLN B 170 -0.18 19.53 22.54
N ILE B 171 -0.45 18.33 23.06
CA ILE B 171 -1.16 17.26 22.31
C ILE B 171 -2.23 16.64 23.23
N VAL B 172 -3.44 16.41 22.70
CA VAL B 172 -4.55 15.76 23.48
C VAL B 172 -4.66 14.32 23.00
N THR B 173 -4.33 13.33 23.83
CA THR B 173 -4.33 11.90 23.44
C THR B 173 -5.39 11.07 24.16
N SER B 174 -6.18 10.27 23.42
CA SER B 174 -7.20 9.38 24.02
C SER B 174 -6.62 8.00 24.24
N SER B 175 -7.23 7.17 25.08
CA SER B 175 -6.58 5.88 25.41
C SER B 175 -7.61 4.77 25.68
N GLY B 176 -7.16 3.53 25.67
CA GLY B 176 -8.06 2.40 26.00
C GLY B 176 -8.11 2.25 27.51
N ASP B 177 -7.40 3.12 28.22
CA ASP B 177 -7.40 3.08 29.72
C ASP B 177 -8.61 3.89 30.20
N THR B 178 -9.45 4.35 29.27
CA THR B 178 -10.66 5.14 29.61
C THR B 178 -10.28 6.54 30.06
N THR B 179 -9.07 7.00 29.69
CA THR B 179 -8.65 8.37 30.05
C THR B 179 -8.01 9.09 28.86
N CYS B 180 -8.36 10.37 28.70
CA CYS B 180 -7.72 11.23 27.66
C CYS B 180 -6.76 12.13 28.44
N ALA B 181 -5.76 12.73 27.80
CA ALA B 181 -4.76 13.49 28.57
C ALA B 181 -4.16 14.61 27.73
N LEU B 182 -3.98 15.79 28.34
CA LEU B 182 -3.33 16.92 27.65
C LEU B 182 -1.86 16.87 28.05
N TRP B 183 -0.95 16.82 27.09
CA TRP B 183 0.49 16.65 27.44
C TRP B 183 1.29 17.87 27.03
N ASP B 184 2.21 18.34 27.88
CA ASP B 184 3.12 19.40 27.42
C ASP B 184 4.28 18.64 26.77
N ILE B 185 4.50 18.83 25.47
CA ILE B 185 5.52 18.00 24.77
C ILE B 185 6.91 18.24 25.34
N GLU B 186 7.28 19.49 25.62
CA GLU B 186 8.67 19.75 26.07
C GLU B 186 8.92 19.03 27.39
N THR B 187 8.00 19.18 28.36
CA THR B 187 8.15 18.51 29.68
C THR B 187 7.98 17.00 29.52
N GLY B 188 7.06 16.56 28.67
CA GLY B 188 6.77 15.13 28.53
C GLY B 188 5.77 14.68 29.58
N GLN B 189 5.21 15.63 30.34
CA GLN B 189 4.28 15.28 31.44
C GLN B 189 2.84 15.56 31.02
N GLN B 190 1.86 14.94 31.70
CA GLN B 190 0.44 15.20 31.41
C GLN B 190 -0.01 16.43 32.19
N THR B 191 -0.28 17.54 31.50
CA THR B 191 -0.75 18.77 32.18
C THR B 191 -2.10 18.47 32.84
N THR B 192 -2.97 17.75 32.13
CA THR B 192 -4.32 17.45 32.66
C THR B 192 -4.73 16.02 32.27
N THR B 193 -5.57 15.37 33.07
CA THR B 193 -6.07 14.03 32.73
C THR B 193 -7.60 14.05 32.80
N PHE B 194 -8.27 13.53 31.78
CA PHE B 194 -9.75 13.52 31.72
C PHE B 194 -10.22 12.09 32.03
N THR B 195 -10.78 11.84 33.21
CA THR B 195 -11.09 10.44 33.62
C THR B 195 -12.57 10.07 33.61
N GLY B 196 -13.46 10.90 33.06
CA GLY B 196 -14.90 10.61 33.15
C GLY B 196 -15.38 9.33 32.47
N HIS B 197 -14.88 9.01 31.28
CA HIS B 197 -15.42 7.84 30.52
C HIS B 197 -15.27 6.54 31.30
N THR B 198 -16.18 5.58 31.07
CA THR B 198 -16.08 4.25 31.73
C THR B 198 -15.71 3.19 30.68
N GLY B 199 -15.49 3.61 29.43
CA GLY B 199 -15.14 2.68 28.35
C GLY B 199 -13.97 3.19 27.54
N ASP B 200 -13.29 2.33 26.78
CA ASP B 200 -12.10 2.74 25.98
C ASP B 200 -12.47 3.94 25.12
N VAL B 201 -11.74 5.05 25.23
CA VAL B 201 -12.00 6.22 24.34
C VAL B 201 -11.45 5.88 22.96
N MET B 202 -12.29 5.86 21.93
CA MET B 202 -11.81 5.43 20.60
C MET B 202 -11.41 6.62 19.73
N SER B 203 -12.07 7.76 19.91
CA SER B 203 -11.79 8.95 19.07
C SER B 203 -11.85 10.24 19.86
N LEU B 204 -11.19 11.30 19.39
CA LEU B 204 -11.26 12.64 20.00
C LEU B 204 -11.28 13.64 18.85
N SER B 205 -12.01 14.75 18.97
CA SER B 205 -12.01 15.84 17.97
C SER B 205 -11.81 17.16 18.71
N LEU B 206 -10.82 17.97 18.31
CA LEU B 206 -10.59 19.29 18.92
C LEU B 206 -11.56 20.27 18.27
N ALA B 207 -12.13 21.19 19.04
CA ALA B 207 -13.04 22.20 18.46
C ALA B 207 -12.23 23.16 17.60
N PRO B 208 -12.78 23.91 16.62
CA PRO B 208 -11.99 24.89 15.87
C PRO B 208 -11.28 25.85 16.82
N ASP B 209 -11.98 26.33 17.86
CA ASP B 209 -11.36 27.25 18.85
C ASP B 209 -10.21 26.53 19.56
N THR B 210 -10.27 25.21 19.72
CA THR B 210 -9.26 24.39 20.45
C THR B 210 -9.48 24.49 21.96
N ARG B 211 -10.44 25.30 22.39
CA ARG B 211 -10.78 25.41 23.85
C ARG B 211 -11.38 24.11 24.37
N LEU B 212 -12.25 23.45 23.59
CA LEU B 212 -12.96 22.24 24.10
C LEU B 212 -12.78 21.07 23.14
N PHE B 213 -12.54 19.86 23.65
CA PHE B 213 -12.50 18.68 22.75
C PHE B 213 -13.63 17.72 23.12
N VAL B 214 -14.19 17.00 22.14
CA VAL B 214 -15.26 16.02 22.42
C VAL B 214 -14.72 14.63 22.08
N SER B 215 -14.79 13.66 23.02
CA SER B 215 -14.24 12.29 22.82
C SER B 215 -15.32 11.22 22.95
N GLY B 216 -15.37 10.23 22.05
CA GLY B 216 -16.38 9.17 21.96
C GLY B 216 -15.78 7.85 22.39
N ALA B 217 -16.39 7.12 23.33
CA ALA B 217 -15.81 5.90 23.92
C ALA B 217 -16.67 4.67 23.65
N CYS B 218 -16.22 3.49 24.09
CA CYS B 218 -16.92 2.20 23.88
C CYS B 218 -18.01 2.09 24.94
N ASP B 219 -18.17 3.11 25.79
CA ASP B 219 -19.28 3.18 26.78
C ASP B 219 -20.51 3.73 26.07
N ALA B 220 -20.46 3.83 24.74
CA ALA B 220 -21.59 4.36 23.94
C ALA B 220 -21.94 5.76 24.44
N SER B 221 -20.94 6.54 24.84
CA SER B 221 -21.19 7.91 25.36
C SER B 221 -20.15 8.87 24.80
N ALA B 222 -20.55 10.10 24.51
CA ALA B 222 -19.59 11.11 24.01
C ALA B 222 -19.50 12.24 25.03
N LYS B 223 -18.30 12.64 25.43
CA LYS B 223 -18.19 13.64 26.53
C LYS B 223 -17.47 14.88 26.02
N LEU B 224 -18.03 16.06 26.26
CA LEU B 224 -17.33 17.31 25.88
C LEU B 224 -16.44 17.71 27.06
N TRP B 225 -15.21 18.11 26.80
CA TRP B 225 -14.29 18.42 27.91
C TRP B 225 -13.90 19.90 27.81
N ASP B 226 -13.14 20.40 28.77
CA ASP B 226 -12.62 21.79 28.67
C ASP B 226 -11.10 21.64 28.82
N VAL B 227 -10.34 21.90 27.78
CA VAL B 227 -8.88 21.59 27.88
C VAL B 227 -8.30 22.39 29.05
N ARG B 228 -8.75 23.63 29.24
CA ARG B 228 -8.20 24.48 30.30
C ARG B 228 -8.64 23.95 31.67
N GLU B 229 -9.95 23.79 31.88
CA GLU B 229 -10.45 23.36 33.21
C GLU B 229 -10.06 21.92 33.58
N GLY B 230 -10.15 20.98 32.64
CA GLY B 230 -9.87 19.56 32.94
C GLY B 230 -11.10 18.73 33.27
N MET B 231 -12.31 19.26 33.05
CA MET B 231 -13.54 18.54 33.46
C MET B 231 -14.45 18.24 32.27
N CYS B 232 -15.42 17.32 32.46
CA CYS B 232 -16.40 16.98 31.40
C CYS B 232 -17.56 17.96 31.46
N ARG B 233 -17.65 18.86 30.48
CA ARG B 233 -18.70 19.88 30.55
C ARG B 233 -20.06 19.23 30.29
N GLN B 234 -20.19 18.38 29.26
CA GLN B 234 -21.51 17.81 28.90
C GLN B 234 -21.35 16.36 28.46
N THR B 235 -22.25 15.47 28.90
CA THR B 235 -22.20 14.06 28.44
C THR B 235 -23.37 13.78 27.52
N PHE B 236 -23.11 13.20 26.34
CA PHE B 236 -24.18 12.93 25.36
C PHE B 236 -24.37 11.42 25.25
N THR B 237 -25.60 10.93 25.40
CA THR B 237 -25.83 9.46 25.43
C THR B 237 -26.91 9.04 24.44
N GLY B 238 -26.61 9.00 23.14
CA GLY B 238 -27.57 8.49 22.15
C GLY B 238 -27.31 7.08 21.61
N HIS B 239 -26.06 6.70 21.36
CA HIS B 239 -25.76 5.42 20.67
C HIS B 239 -26.10 4.16 21.47
N GLU B 240 -26.06 2.99 20.82
CA GLU B 240 -26.38 1.72 21.49
C GLU B 240 -25.10 0.89 21.63
N SER B 241 -24.06 1.30 20.91
CA SER B 241 -22.78 0.54 20.90
C SER B 241 -21.57 1.47 20.80
N ASP B 242 -20.36 0.90 20.73
CA ASP B 242 -19.11 1.70 20.74
C ASP B 242 -19.12 2.85 19.75
N ILE B 243 -18.76 4.05 20.21
CA ILE B 243 -18.66 5.26 19.35
C ILE B 243 -17.27 5.17 18.72
N ASN B 244 -17.18 4.72 17.48
CA ASN B 244 -15.88 4.50 16.80
C ASN B 244 -15.28 5.85 16.41
N ALA B 245 -16.08 6.79 15.91
CA ALA B 245 -15.51 8.07 15.42
C ALA B 245 -16.28 9.29 15.94
N ILE B 246 -15.64 10.46 15.93
CA ILE B 246 -16.29 11.72 16.41
C ILE B 246 -15.70 12.89 15.60
N CYS B 247 -16.54 13.76 15.07
CA CYS B 247 -16.11 14.96 14.32
C CYS B 247 -16.86 16.19 14.84
N PHE B 248 -16.23 17.34 14.83
CA PHE B 248 -16.89 18.60 15.23
C PHE B 248 -17.45 19.27 13.98
N PHE B 249 -18.65 19.84 14.08
CA PHE B 249 -19.25 20.61 12.97
C PHE B 249 -18.43 21.88 12.83
N PRO B 250 -18.23 22.45 11.63
CA PRO B 250 -17.31 23.59 11.47
C PRO B 250 -17.60 24.75 12.43
N ASN B 251 -18.87 24.99 12.76
CA ASN B 251 -19.23 26.12 13.67
C ASN B 251 -18.63 25.91 15.07
N GLY B 252 -18.39 24.67 15.49
CA GLY B 252 -17.91 24.43 16.87
C GLY B 252 -19.04 24.50 17.87
N ASN B 253 -20.23 24.02 17.51
CA ASN B 253 -21.41 23.98 18.40
C ASN B 253 -22.18 22.67 18.19
N ALA B 254 -21.73 21.85 17.25
CA ALA B 254 -22.36 20.52 17.05
C ALA B 254 -21.25 19.51 16.76
N PHE B 255 -21.52 18.23 17.01
CA PHE B 255 -20.54 17.17 16.70
C PHE B 255 -21.29 15.95 16.15
N ALA B 256 -20.61 15.10 15.39
CA ALA B 256 -21.24 13.93 14.75
C ALA B 256 -20.46 12.68 15.16
N THR B 257 -21.12 11.64 15.64
CA THR B 257 -20.45 10.41 16.15
C THR B 257 -20.81 9.18 15.33
N GLY B 258 -19.83 8.40 14.88
CA GLY B 258 -20.08 7.12 14.20
C GLY B 258 -20.10 6.04 15.26
N SER B 259 -20.87 4.96 15.11
CA SER B 259 -20.86 3.84 16.07
C SER B 259 -21.08 2.50 15.37
N ASP B 260 -20.69 1.41 16.00
CA ASP B 260 -20.95 0.07 15.42
C ASP B 260 -22.46 -0.12 15.27
N ASP B 261 -23.25 0.75 15.89
CA ASP B 261 -24.73 0.67 15.80
C ASP B 261 -25.13 0.88 14.35
N ALA B 262 -24.18 1.29 13.49
CA ALA B 262 -24.44 1.56 12.06
C ALA B 262 -25.18 2.88 11.93
N THR B 263 -25.16 3.69 12.99
CA THR B 263 -25.88 4.98 12.99
C THR B 263 -24.93 6.13 13.28
N CYS B 264 -25.02 7.21 12.52
CA CYS B 264 -24.25 8.45 12.83
C CYS B 264 -25.24 9.40 13.50
N ARG B 265 -24.87 10.09 14.59
CA ARG B 265 -25.83 10.95 15.34
C ARG B 265 -25.26 12.36 15.55
N LEU B 266 -25.84 13.38 14.92
CA LEU B 266 -25.45 14.80 15.16
C LEU B 266 -25.92 15.17 16.57
N PHE B 267 -25.10 15.82 17.38
CA PHE B 267 -25.52 16.33 18.70
C PHE B 267 -25.35 17.83 18.58
N ASP B 268 -25.96 18.62 19.46
CA ASP B 268 -25.76 20.09 19.49
C ASP B 268 -25.30 20.40 20.90
N LEU B 269 -24.15 21.05 21.06
CA LEU B 269 -23.58 21.26 22.41
C LEU B 269 -24.48 22.20 23.20
N ARG B 270 -25.05 23.20 22.54
CA ARG B 270 -25.84 24.22 23.28
C ARG B 270 -27.20 23.63 23.67
N ALA B 271 -27.83 22.82 22.82
CA ALA B 271 -29.13 22.17 23.12
C ALA B 271 -28.87 20.99 24.06
N ASP B 272 -27.63 20.50 24.12
CA ASP B 272 -27.23 19.34 24.96
C ASP B 272 -28.07 18.12 24.59
N GLN B 273 -28.36 17.93 23.30
CA GLN B 273 -29.10 16.70 22.91
C GLN B 273 -28.88 16.38 21.42
N GLU B 274 -29.28 15.18 21.02
CA GLU B 274 -29.14 14.73 19.61
C GLU B 274 -30.05 15.58 18.74
N LEU B 275 -29.58 16.03 17.58
CA LEU B 275 -30.41 16.79 16.62
C LEU B 275 -30.95 15.81 15.58
N MET B 276 -30.14 14.87 15.12
CA MET B 276 -30.56 13.97 14.00
C MET B 276 -29.82 12.64 14.03
N THR B 277 -30.30 11.62 13.28
CA THR B 277 -29.62 10.31 13.14
C THR B 277 -29.52 9.99 11.65
N TYR B 278 -28.41 9.40 11.19
CA TYR B 278 -28.16 9.10 9.76
C TYR B 278 -27.98 7.58 9.61
N SER B 279 -29.07 6.82 9.53
CA SER B 279 -29.05 5.34 9.40
C SER B 279 -29.84 4.94 8.15
N HIS B 280 -29.41 3.85 7.50
CA HIS B 280 -30.18 3.32 6.34
C HIS B 280 -30.47 1.86 6.66
N ASP B 281 -31.64 1.35 6.26
CA ASP B 281 -32.01 -0.04 6.65
C ASP B 281 -30.97 -1.01 6.07
N ASN B 282 -30.52 -0.75 4.85
CA ASN B 282 -29.49 -1.61 4.21
C ASN B 282 -28.20 -1.53 5.03
N ILE B 283 -27.84 -0.32 5.49
CA ILE B 283 -26.56 -0.15 6.24
C ILE B 283 -26.66 -0.88 7.58
N ILE B 284 -25.85 -1.92 7.77
CA ILE B 284 -25.82 -2.64 9.07
C ILE B 284 -24.42 -2.76 9.67
N CYS B 285 -23.40 -2.45 8.88
CA CYS B 285 -21.99 -2.48 9.36
C CYS B 285 -21.68 -1.20 10.13
N GLY B 286 -20.65 -1.22 10.97
CA GLY B 286 -20.32 -0.05 11.81
C GLY B 286 -19.62 1.07 11.05
N ILE B 287 -19.58 2.26 11.64
CA ILE B 287 -18.93 3.45 11.00
C ILE B 287 -17.55 3.65 11.61
N THR B 288 -16.49 3.30 10.88
CA THR B 288 -15.11 3.50 11.39
C THR B 288 -14.74 4.98 11.52
N SER B 289 -15.09 5.82 10.54
CA SER B 289 -14.65 7.24 10.56
C SER B 289 -15.80 8.21 10.27
N VAL B 290 -15.73 9.45 10.76
CA VAL B 290 -16.78 10.45 10.42
C VAL B 290 -16.11 11.82 10.17
N SER B 291 -16.45 12.53 9.09
CA SER B 291 -15.94 13.90 8.81
C SER B 291 -17.04 14.79 8.25
N PHE B 292 -16.88 16.12 8.26
CA PHE B 292 -17.87 17.08 7.70
C PHE B 292 -17.17 17.92 6.63
N SER B 293 -17.88 18.35 5.59
CA SER B 293 -17.22 19.25 4.61
C SER B 293 -17.05 20.63 5.23
N LYS B 294 -16.42 21.56 4.52
CA LYS B 294 -16.13 22.91 5.08
C LYS B 294 -17.44 23.57 5.47
N SER B 295 -18.46 23.47 4.61
CA SER B 295 -19.76 24.14 4.87
C SER B 295 -20.55 23.34 5.90
N GLY B 296 -20.16 22.09 6.14
CA GLY B 296 -20.81 21.32 7.21
C GLY B 296 -22.10 20.73 6.70
N ARG B 297 -22.33 20.83 5.38
CA ARG B 297 -23.59 20.32 4.81
C ARG B 297 -23.44 18.81 4.63
N LEU B 298 -22.23 18.35 4.29
CA LEU B 298 -22.12 16.90 3.99
C LEU B 298 -21.42 16.22 5.17
N LEU B 299 -21.95 15.09 5.65
CA LEU B 299 -21.36 14.32 6.77
C LEU B 299 -20.81 13.02 6.17
N LEU B 300 -19.60 13.07 5.63
CA LEU B 300 -18.93 11.86 5.10
C LEU B 300 -18.86 10.86 6.25
N ALA B 301 -18.84 9.56 5.99
CA ALA B 301 -18.69 8.52 7.03
C ALA B 301 -18.21 7.22 6.42
N GLY B 302 -17.08 6.69 6.89
CA GLY B 302 -16.54 5.41 6.37
C GLY B 302 -17.23 4.25 7.04
N TYR B 303 -17.56 3.20 6.29
CA TYR B 303 -18.29 2.05 6.86
C TYR B 303 -17.50 0.78 6.57
N ASP B 304 -17.69 -0.27 7.36
CA ASP B 304 -16.92 -1.53 7.21
C ASP B 304 -17.41 -2.27 5.96
N ASP B 305 -18.38 -1.71 5.24
CA ASP B 305 -18.91 -2.36 4.00
C ASP B 305 -17.95 -2.03 2.86
N PHE B 306 -16.76 -1.55 3.19
CA PHE B 306 -15.71 -1.26 2.17
C PHE B 306 -16.09 -0.03 1.36
N ASN B 307 -17.05 0.77 1.85
CA ASN B 307 -17.41 2.02 1.13
C ASN B 307 -17.74 3.14 2.13
N CYS B 308 -17.61 4.39 1.71
CA CYS B 308 -17.98 5.54 2.57
C CYS B 308 -19.27 6.12 2.02
N ASN B 309 -20.09 6.72 2.86
CA ASN B 309 -21.41 7.21 2.39
C ASN B 309 -21.56 8.69 2.73
N VAL B 310 -21.75 9.54 1.72
CA VAL B 310 -22.00 10.98 1.99
C VAL B 310 -23.43 11.08 2.54
N TRP B 311 -23.68 11.98 3.48
CA TRP B 311 -25.02 12.17 4.08
C TRP B 311 -25.32 13.67 4.08
N ASP B 312 -26.52 14.09 3.69
CA ASP B 312 -26.82 15.53 3.83
C ASP B 312 -27.07 15.72 5.32
N ALA B 313 -26.26 16.53 6.00
CA ALA B 313 -26.40 16.63 7.46
C ALA B 313 -27.77 17.20 7.82
N LEU B 314 -28.18 18.26 7.14
CA LEU B 314 -29.46 18.92 7.50
C LEU B 314 -30.65 18.02 7.16
N LYS B 315 -30.62 17.34 6.02
CA LYS B 315 -31.81 16.55 5.57
C LYS B 315 -31.77 15.09 6.00
N ALA B 316 -30.66 14.61 6.56
CA ALA B 316 -30.51 13.19 6.96
C ALA B 316 -30.76 12.26 5.76
N ASP B 317 -30.30 12.64 4.58
CA ASP B 317 -30.54 11.82 3.37
C ASP B 317 -29.20 11.38 2.80
N ARG B 318 -29.03 10.09 2.49
CA ARG B 318 -27.76 9.71 1.82
C ARG B 318 -27.77 10.45 0.49
N ALA B 319 -26.65 11.09 0.16
CA ALA B 319 -26.62 11.91 -1.07
C ALA B 319 -25.48 11.42 -1.95
N GLY B 320 -24.77 10.40 -1.49
CA GLY B 320 -23.70 9.84 -2.33
C GLY B 320 -22.94 8.70 -1.71
N VAL B 321 -22.06 8.01 -2.46
CA VAL B 321 -21.25 6.86 -1.93
C VAL B 321 -19.85 6.91 -2.56
N LEU B 322 -18.78 6.90 -1.76
CA LEU B 322 -17.37 6.83 -2.24
C LEU B 322 -16.94 5.36 -2.27
N ALA B 323 -17.50 4.58 -3.19
CA ALA B 323 -17.20 3.14 -3.25
C ALA B 323 -16.01 2.87 -4.16
N GLY B 324 -14.80 2.87 -3.61
CA GLY B 324 -13.60 2.50 -4.39
C GLY B 324 -12.60 1.69 -3.58
N HIS B 325 -13.01 1.04 -2.48
CA HIS B 325 -12.06 0.35 -1.55
C HIS B 325 -12.30 -1.15 -1.56
N ASP B 326 -11.27 -1.95 -1.27
CA ASP B 326 -11.42 -3.43 -1.23
C ASP B 326 -11.54 -3.92 0.21
N ASN B 327 -11.34 -3.06 1.23
CA ASN B 327 -11.52 -3.56 2.61
C ASN B 327 -12.02 -2.40 3.49
N ARG B 328 -12.15 -2.64 4.80
CA ARG B 328 -12.70 -1.63 5.74
C ARG B 328 -12.06 -0.27 5.47
N VAL B 329 -12.86 0.79 5.40
CA VAL B 329 -12.26 2.14 5.30
C VAL B 329 -11.99 2.49 6.75
N SER B 330 -10.72 2.65 7.13
CA SER B 330 -10.40 2.86 8.56
C SER B 330 -10.40 4.35 8.93
N CYS B 331 -9.95 5.19 8.00
CA CYS B 331 -9.89 6.66 8.24
C CYS B 331 -10.46 7.45 7.06
N LEU B 332 -11.03 8.62 7.31
CA LEU B 332 -11.56 9.52 6.26
C LEU B 332 -11.19 10.92 6.71
N GLY B 333 -10.58 11.77 5.87
CA GLY B 333 -10.28 13.16 6.23
C GLY B 333 -10.60 14.17 5.13
N VAL B 334 -11.16 15.32 5.48
CA VAL B 334 -11.46 16.39 4.49
C VAL B 334 -10.43 17.49 4.64
N THR B 335 -9.88 17.96 3.52
CA THR B 335 -8.83 19.01 3.54
C THR B 335 -9.44 20.25 4.21
N ASP B 336 -8.61 21.09 4.83
CA ASP B 336 -9.08 22.33 5.50
C ASP B 336 -9.86 23.16 4.49
N ASP B 337 -9.24 23.39 3.31
CA ASP B 337 -9.87 24.14 2.19
C ASP B 337 -11.20 23.48 1.90
N GLY B 338 -11.29 22.16 2.10
CA GLY B 338 -12.53 21.42 1.77
C GLY B 338 -12.49 20.90 0.35
N MET B 339 -11.37 21.07 -0.32
CA MET B 339 -11.26 20.64 -1.75
C MET B 339 -11.40 19.12 -1.89
N ALA B 340 -10.81 18.33 -0.99
CA ALA B 340 -10.83 16.87 -1.23
C ALA B 340 -11.09 16.04 0.03
N VAL B 341 -11.35 14.75 -0.11
CA VAL B 341 -11.58 13.83 1.03
C VAL B 341 -10.64 12.65 0.83
N ALA B 342 -9.71 12.39 1.75
CA ALA B 342 -8.83 11.22 1.65
C ALA B 342 -9.49 10.09 2.42
N THR B 343 -9.27 8.83 2.04
CA THR B 343 -9.96 7.68 2.67
C THR B 343 -8.97 6.53 2.74
N GLY B 344 -8.41 6.25 3.92
CA GLY B 344 -7.46 5.15 4.07
C GLY B 344 -8.26 3.88 4.18
N SER B 345 -7.62 2.72 3.99
CA SER B 345 -8.38 1.45 4.02
C SER B 345 -7.45 0.28 4.32
N TRP B 346 -8.02 -0.85 4.71
CA TRP B 346 -7.21 -2.06 5.03
C TRP B 346 -6.63 -2.63 3.73
N ASP B 347 -7.11 -2.15 2.58
CA ASP B 347 -6.56 -2.59 1.27
C ASP B 347 -5.14 -2.05 1.10
N SER B 348 -4.72 -1.10 1.96
CA SER B 348 -3.35 -0.51 1.95
C SER B 348 -3.24 0.62 0.92
N PHE B 349 -4.36 1.05 0.35
CA PHE B 349 -4.36 2.18 -0.61
C PHE B 349 -5.12 3.36 -0.02
N LEU B 350 -4.49 4.54 0.01
CA LEU B 350 -5.17 5.76 0.49
C LEU B 350 -5.63 6.48 -0.77
N LYS B 351 -6.92 6.81 -0.88
CA LYS B 351 -7.48 7.39 -2.12
C LYS B 351 -8.00 8.79 -1.83
N ILE B 352 -7.66 9.75 -2.70
CA ILE B 352 -8.15 11.15 -2.57
C ILE B 352 -9.36 11.27 -3.47
N TRP B 353 -10.44 11.89 -3.01
CA TRP B 353 -11.73 11.94 -3.75
C TRP B 353 -12.13 13.40 -3.85
N ASN B 354 -12.18 13.99 -5.04
CA ASN B 354 -12.47 15.44 -5.18
C ASN B 354 -13.92 15.62 -5.59
N ALA C 12 -18.70 7.37 43.02
CA ALA C 12 -20.10 7.44 43.51
C ALA C 12 -20.44 8.89 43.84
N ARG C 13 -19.86 9.44 44.91
CA ARG C 13 -20.10 10.87 45.28
C ARG C 13 -19.58 11.75 44.14
N LYS C 14 -18.44 11.40 43.56
CA LYS C 14 -17.84 12.19 42.46
C LYS C 14 -18.80 12.19 41.26
N LEU C 15 -19.44 11.05 40.98
CA LEU C 15 -20.41 10.96 39.86
C LEU C 15 -21.58 11.93 40.14
N VAL C 16 -22.06 11.96 41.38
CA VAL C 16 -23.16 12.89 41.76
C VAL C 16 -22.69 14.32 41.50
N GLU C 17 -21.46 14.66 41.91
CA GLU C 17 -20.92 16.04 41.75
C GLU C 17 -20.88 16.38 40.26
N GLN C 18 -20.45 15.43 39.42
CA GLN C 18 -20.39 15.68 37.95
C GLN C 18 -21.81 15.86 37.41
N LEU C 19 -22.73 15.00 37.84
CA LEU C 19 -24.13 15.06 37.32
C LEU C 19 -24.71 16.43 37.66
N LYS C 20 -24.40 16.93 38.85
CA LYS C 20 -24.93 18.26 39.29
C LYS C 20 -24.52 19.31 38.27
N MET C 21 -23.23 19.38 37.95
CA MET C 21 -22.74 20.45 37.04
C MET C 21 -23.40 20.31 35.67
N GLU C 22 -23.45 19.07 35.16
CA GLU C 22 -24.01 18.82 33.82
C GLU C 22 -25.49 19.22 33.79
N ALA C 23 -26.16 19.18 34.94
CA ALA C 23 -27.61 19.49 34.92
C ALA C 23 -27.77 21.01 34.99
N ASN C 24 -26.84 21.71 35.63
CA ASN C 24 -26.90 23.20 35.73
C ASN C 24 -26.79 23.88 34.36
N ILE C 25 -26.07 23.28 33.41
CA ILE C 25 -25.82 23.90 32.07
C ILE C 25 -27.10 24.51 31.48
N ASP C 26 -27.04 25.78 31.09
CA ASP C 26 -28.21 26.41 30.42
C ASP C 26 -28.35 25.78 29.03
N ARG C 27 -29.57 25.63 28.53
CA ARG C 27 -29.78 24.95 27.22
C ARG C 27 -30.63 25.84 26.31
N ILE C 28 -30.43 25.73 24.99
CA ILE C 28 -31.20 26.55 24.02
C ILE C 28 -32.24 25.64 23.35
N LYS C 29 -33.27 26.22 22.75
CA LYS C 29 -34.30 25.40 22.04
C LYS C 29 -33.74 24.88 20.74
N VAL C 30 -34.05 23.62 20.38
CA VAL C 30 -33.49 22.93 19.17
C VAL C 30 -34.03 23.63 17.93
N SER C 31 -35.12 24.38 18.03
CA SER C 31 -35.59 25.21 16.90
C SER C 31 -34.57 26.31 16.65
N LYS C 32 -33.85 26.72 17.71
CA LYS C 32 -32.81 27.78 17.60
C LYS C 32 -31.51 27.14 17.09
N ALA C 33 -31.02 26.14 17.82
CA ALA C 33 -29.70 25.54 17.47
C ALA C 33 -29.74 24.96 16.05
N ALA C 34 -30.85 24.33 15.68
CA ALA C 34 -30.98 23.79 14.31
C ALA C 34 -30.91 24.94 13.32
N ALA C 35 -31.58 26.05 13.63
CA ALA C 35 -31.61 27.19 12.70
C ALA C 35 -30.19 27.69 12.45
N ASP C 36 -29.40 27.89 13.51
CA ASP C 36 -28.04 28.44 13.33
C ASP C 36 -27.12 27.53 12.51
N LEU C 37 -27.19 26.22 12.72
CA LEU C 37 -26.37 25.29 11.90
C LEU C 37 -26.85 25.32 10.45
N MET C 38 -28.16 25.48 10.26
CA MET C 38 -28.74 25.59 8.90
C MET C 38 -28.14 26.87 8.34
N ALA C 39 -28.11 27.93 9.15
CA ALA C 39 -27.60 29.23 8.68
C ALA C 39 -26.13 29.11 8.30
N TYR C 40 -25.32 28.45 9.14
CA TYR C 40 -23.87 28.33 8.86
C TYR C 40 -23.70 27.66 7.50
N CYS C 41 -24.47 26.59 7.25
CA CYS C 41 -24.32 25.84 5.99
C CYS C 41 -24.63 26.77 4.81
N GLU C 42 -25.73 27.52 4.90
CA GLU C 42 -26.13 28.40 3.77
C GLU C 42 -25.07 29.48 3.57
N ALA C 43 -24.56 30.06 4.65
CA ALA C 43 -23.58 31.16 4.54
C ALA C 43 -22.28 30.67 3.89
N HIS C 44 -21.82 29.48 4.26
CA HIS C 44 -20.52 28.99 3.74
C HIS C 44 -20.76 28.02 2.59
N ALA C 45 -21.97 27.99 2.03
CA ALA C 45 -22.29 27.01 0.97
C ALA C 45 -21.42 27.26 -0.26
N LYS C 46 -21.26 28.52 -0.65
CA LYS C 46 -20.46 28.85 -1.86
C LYS C 46 -19.02 28.42 -1.62
N GLU C 47 -18.51 28.65 -0.41
CA GLU C 47 -17.13 28.27 -0.03
C GLU C 47 -16.92 26.76 -0.21
N ASP C 48 -17.87 25.93 0.23
CA ASP C 48 -17.69 24.44 0.18
C ASP C 48 -17.37 23.96 -1.24
N PRO C 49 -16.18 23.39 -1.56
CA PRO C 49 -15.89 22.92 -2.91
C PRO C 49 -16.43 21.52 -3.22
N LEU C 50 -17.08 20.88 -2.26
CA LEU C 50 -17.59 19.51 -2.45
C LEU C 50 -19.10 19.58 -2.66
N LEU C 51 -19.79 20.40 -1.87
CA LEU C 51 -21.25 20.59 -2.07
C LEU C 51 -21.45 21.29 -3.41
N THR C 52 -20.66 22.33 -3.68
CA THR C 52 -20.74 23.00 -5.00
C THR C 52 -19.53 22.55 -5.83
N PRO C 53 -19.73 21.90 -7.00
CA PRO C 53 -18.60 21.36 -7.76
C PRO C 53 -17.65 22.50 -8.17
N VAL C 54 -16.34 22.26 -8.08
CA VAL C 54 -15.34 23.32 -8.37
C VAL C 54 -14.98 23.26 -9.86
N PRO C 55 -14.68 24.38 -10.54
CA PRO C 55 -14.25 24.34 -11.93
C PRO C 55 -12.98 23.49 -12.01
N ALA C 56 -12.85 22.67 -13.06
CA ALA C 56 -11.70 21.74 -13.18
C ALA C 56 -10.37 22.50 -13.05
N SER C 57 -10.27 23.65 -13.70
CA SER C 57 -9.00 24.44 -13.66
C SER C 57 -8.63 24.68 -12.20
N GLU C 58 -9.57 25.21 -11.42
CA GLU C 58 -9.35 25.53 -9.99
C GLU C 58 -8.95 24.25 -9.23
N ASN C 59 -9.69 23.16 -9.42
CA ASN C 59 -9.40 21.84 -8.78
C ASN C 59 -7.90 21.54 -8.83
N PRO C 60 -7.14 21.58 -7.70
CA PRO C 60 -5.73 21.24 -7.74
C PRO C 60 -5.52 19.75 -8.02
N PHE C 61 -6.55 18.94 -7.80
CA PHE C 61 -6.41 17.48 -8.02
C PHE C 61 -6.98 17.10 -9.39
N ARG C 62 -7.11 18.06 -10.31
CA ARG C 62 -7.76 17.79 -11.61
C ARG C 62 -7.00 16.69 -12.38
N GLU C 63 -5.67 16.68 -12.33
CA GLU C 63 -4.86 15.71 -13.12
C GLU C 63 -5.24 15.82 -14.60
N CYS D 3 9.18 15.82 -18.12
CA CYS D 3 7.94 16.25 -18.81
C CYS D 3 7.27 17.38 -18.02
N THR D 4 7.64 18.63 -18.29
CA THR D 4 7.06 19.81 -17.58
C THR D 4 7.27 19.68 -16.07
N LEU D 5 8.42 19.16 -15.64
CA LEU D 5 8.73 19.07 -14.20
C LEU D 5 9.99 19.89 -13.95
N SER D 6 9.96 20.79 -12.96
CA SER D 6 11.12 21.65 -12.64
C SER D 6 12.29 20.81 -12.13
N ALA D 7 13.49 21.37 -12.13
CA ALA D 7 14.67 20.69 -11.57
C ALA D 7 14.42 20.21 -10.15
N GLU D 8 13.60 20.95 -9.41
CA GLU D 8 13.33 20.59 -8.00
C GLU D 8 12.21 19.55 -7.97
N ASP D 9 11.24 19.65 -8.88
CA ASP D 9 10.18 18.62 -8.94
C ASP D 9 10.81 17.29 -9.32
N LYS D 10 11.74 17.31 -10.27
CA LYS D 10 12.37 16.05 -10.71
C LYS D 10 13.15 15.44 -9.54
N ALA D 11 13.83 16.28 -8.78
CA ALA D 11 14.62 15.80 -7.62
C ALA D 11 13.68 15.20 -6.58
N ALA D 12 12.52 15.83 -6.37
CA ALA D 12 11.52 15.31 -5.42
C ALA D 12 11.02 13.95 -5.90
N VAL D 13 10.82 13.81 -7.20
CA VAL D 13 10.36 12.50 -7.78
C VAL D 13 11.46 11.47 -7.51
N GLU D 14 12.72 11.86 -7.67
CA GLU D 14 13.84 10.93 -7.39
C GLU D 14 13.79 10.52 -5.92
N ARG D 15 13.58 11.48 -5.02
CA ARG D 15 13.54 11.17 -3.57
C ARG D 15 12.41 10.17 -3.32
N SER D 16 11.26 10.40 -3.97
CA SER D 16 10.11 9.50 -3.78
C SER D 16 10.48 8.11 -4.25
N LYS D 17 11.17 8.02 -5.40
CA LYS D 17 11.56 6.69 -5.96
C LYS D 17 12.53 6.00 -5.01
N MET D 18 13.47 6.75 -4.42
CA MET D 18 14.44 6.15 -3.46
C MET D 18 13.67 5.61 -2.25
N ILE D 19 12.67 6.34 -1.78
CA ILE D 19 11.82 5.94 -0.62
C ILE D 19 11.08 4.68 -1.06
N GLU D 20 10.60 4.65 -2.30
CA GLU D 20 9.83 3.49 -2.80
C GLU D 20 10.70 2.23 -2.81
N LYS D 21 11.96 2.33 -3.21
CA LYS D 21 12.88 1.17 -3.22
C LYS D 21 13.12 0.69 -1.77
N GLN D 22 13.32 1.62 -0.85
CA GLN D 22 13.49 1.14 0.55
C GLN D 22 12.21 0.43 0.98
N LEU D 23 11.04 0.97 0.61
CA LEU D 23 9.75 0.36 1.01
C LEU D 23 9.62 -1.04 0.39
N GLN D 24 10.22 -1.25 -0.79
CA GLN D 24 10.14 -2.57 -1.47
C GLN D 24 11.03 -3.57 -0.73
N LYS D 25 12.20 -3.14 -0.28
CA LYS D 25 13.08 -4.04 0.50
C LYS D 25 12.34 -4.44 1.77
N ASP D 26 11.67 -3.49 2.40
CA ASP D 26 10.91 -3.78 3.64
C ASP D 26 9.77 -4.74 3.32
N LYS D 27 9.15 -4.59 2.14
CA LYS D 27 7.99 -5.44 1.79
C LYS D 27 8.46 -6.89 1.77
N GLN D 28 9.65 -7.14 1.25
CA GLN D 28 10.15 -8.53 1.15
C GLN D 28 10.26 -9.11 2.56
N VAL D 29 10.82 -8.35 3.49
CA VAL D 29 10.98 -8.84 4.89
C VAL D 29 9.59 -9.06 5.50
N TYR D 30 8.68 -8.12 5.28
CA TYR D 30 7.33 -8.23 5.88
C TYR D 30 6.61 -9.46 5.33
N ARG D 31 6.69 -9.67 4.00
CA ARG D 31 6.01 -10.83 3.37
C ARG D 31 6.61 -12.13 3.91
N ALA D 32 7.93 -12.16 4.11
CA ALA D 32 8.60 -13.40 4.56
C ALA D 32 8.21 -13.71 6.01
N THR D 33 7.88 -12.69 6.81
CA THR D 33 7.58 -12.93 8.24
C THR D 33 6.13 -13.34 8.44
N HIS D 34 5.94 -14.47 9.14
CA HIS D 34 4.57 -14.96 9.44
C HIS D 34 4.23 -14.46 10.84
N ARG D 35 3.20 -13.64 10.95
CA ARG D 35 2.82 -13.01 12.24
C ARG D 35 1.85 -13.93 12.97
N LEU D 36 2.03 -14.14 14.27
CA LEU D 36 1.22 -15.07 15.08
C LEU D 36 0.77 -14.32 16.32
N LEU D 37 -0.51 -14.38 16.71
CA LEU D 37 -1.01 -13.71 17.93
C LEU D 37 -0.99 -14.72 19.08
N LEU D 38 -0.10 -14.56 20.05
CA LEU D 38 -0.02 -15.46 21.23
C LEU D 38 -1.13 -15.07 22.20
N LEU D 39 -2.39 -15.41 21.92
CA LEU D 39 -3.45 -15.14 22.91
C LEU D 39 -3.29 -16.15 24.04
N GLY D 40 -3.80 -15.80 25.21
CA GLY D 40 -3.73 -16.72 26.36
C GLY D 40 -4.03 -15.99 27.66
N ALA D 41 -3.83 -16.65 28.79
CA ALA D 41 -4.07 -16.03 30.12
C ALA D 41 -2.85 -16.30 30.99
N ASP D 42 -2.76 -15.64 32.15
CA ASP D 42 -1.65 -15.95 33.08
C ASP D 42 -1.76 -17.41 33.52
N ASN D 43 -0.64 -18.09 33.75
CA ASN D 43 -0.60 -19.51 34.22
C ASN D 43 -0.71 -20.46 33.02
N SER D 44 -0.97 -19.92 31.83
CA SER D 44 -0.96 -20.78 30.62
C SER D 44 0.47 -21.26 30.38
N GLY D 45 1.45 -20.41 30.65
CA GLY D 45 2.83 -20.76 30.32
C GLY D 45 3.09 -20.32 28.90
N LYS D 46 2.26 -19.42 28.37
CA LYS D 46 2.40 -18.97 26.98
C LYS D 46 3.75 -18.31 26.79
N SER D 47 4.33 -17.79 27.87
CA SER D 47 5.64 -17.12 27.81
C SER D 47 6.72 -18.11 27.37
N THR D 48 6.63 -19.37 27.79
CA THR D 48 7.70 -20.35 27.49
C THR D 48 7.19 -21.51 26.60
N ILE D 49 6.17 -21.28 25.77
CA ILE D 49 5.75 -22.36 24.83
C ILE D 49 6.87 -22.57 23.81
N VAL D 50 7.37 -21.49 23.19
CA VAL D 50 8.56 -21.62 22.29
C VAL D 50 9.81 -21.44 23.15
N LYS D 51 10.92 -22.05 22.76
CA LYS D 51 12.12 -21.99 23.63
C LYS D 51 12.70 -20.57 23.63
N GLN D 52 12.75 -19.91 22.46
CA GLN D 52 13.36 -18.56 22.36
C GLN D 52 12.68 -17.63 23.37
N ILE D 69 7.97 -8.73 26.59
CA ILE D 69 7.17 -9.99 26.42
C ILE D 69 6.19 -9.88 25.26
N PHE D 70 5.96 -8.67 24.77
CA PHE D 70 4.95 -8.48 23.71
C PHE D 70 5.37 -9.18 22.41
N GLU D 71 6.67 -9.24 22.08
CA GLU D 71 7.11 -9.78 20.76
C GLU D 71 8.31 -10.73 20.86
N THR D 72 8.23 -11.89 20.19
CA THR D 72 9.28 -12.94 20.16
C THR D 72 9.45 -13.38 18.71
N LYS D 73 10.68 -13.55 18.22
CA LYS D 73 10.97 -13.90 16.79
C LYS D 73 11.74 -15.21 16.75
N PHE D 74 11.27 -16.21 16.02
CA PHE D 74 11.96 -17.51 15.90
C PHE D 74 12.19 -17.77 14.42
N GLN D 75 12.90 -18.84 14.06
CA GLN D 75 13.06 -19.25 12.65
C GLN D 75 13.06 -20.78 12.58
N VAL D 76 12.16 -21.36 11.78
CA VAL D 76 12.16 -22.84 11.59
C VAL D 76 12.34 -23.08 10.09
N ASP D 77 13.28 -23.95 9.72
CA ASP D 77 13.55 -24.25 8.29
C ASP D 77 13.72 -22.93 7.51
N LYS D 78 14.49 -21.99 8.07
CA LYS D 78 14.80 -20.72 7.37
C LYS D 78 13.52 -19.91 7.12
N VAL D 79 12.49 -20.13 7.93
CA VAL D 79 11.26 -19.28 7.81
C VAL D 79 11.13 -18.55 9.15
N ASN D 80 11.04 -17.22 9.13
CA ASN D 80 11.03 -16.47 10.41
C ASN D 80 9.59 -16.19 10.84
N PHE D 81 9.27 -16.40 12.12
CA PHE D 81 7.89 -16.22 12.60
C PHE D 81 7.94 -15.15 13.68
N HIS D 82 6.99 -14.20 13.70
CA HIS D 82 6.92 -13.15 14.74
C HIS D 82 5.71 -13.46 15.61
N MET D 83 5.87 -13.60 16.92
CA MET D 83 4.78 -13.99 17.85
C MET D 83 4.49 -12.80 18.76
N PHE D 84 3.28 -12.24 18.70
CA PHE D 84 2.90 -11.03 19.47
C PHE D 84 2.01 -11.40 20.65
N ASP D 85 2.38 -11.09 21.89
CA ASP D 85 1.53 -11.35 23.09
C ASP D 85 1.04 -10.01 23.63
N VAL D 86 -0.20 -9.63 23.32
CA VAL D 86 -0.66 -8.27 23.72
C VAL D 86 -1.24 -8.31 25.14
N GLY D 87 -0.37 -8.40 26.14
CA GLY D 87 -0.83 -8.41 27.55
C GLY D 87 -1.04 -7.02 28.10
N GLY D 88 -0.64 -6.00 27.34
CA GLY D 88 -0.76 -4.60 27.81
C GLY D 88 -2.19 -4.18 28.07
N GLN D 89 -3.13 -4.60 27.21
CA GLN D 89 -4.54 -4.16 27.35
C GLN D 89 -5.41 -5.35 27.79
N ARG D 90 -6.33 -5.12 28.74
CA ARG D 90 -7.15 -6.24 29.30
C ARG D 90 -8.62 -6.10 28.93
N ASP D 91 -9.51 -6.64 29.78
CA ASP D 91 -10.98 -6.50 29.58
C ASP D 91 -11.41 -6.96 28.19
N GLU D 92 -12.33 -6.23 27.55
CA GLU D 92 -12.71 -6.58 26.18
C GLU D 92 -11.46 -6.41 25.31
N ARG D 93 -11.06 -7.48 24.64
CA ARG D 93 -9.85 -7.41 23.79
C ARG D 93 -10.36 -7.12 22.40
N ARG D 94 -11.66 -6.90 22.28
CA ARG D 94 -12.24 -6.75 20.92
C ARG D 94 -11.58 -5.57 20.22
N LYS D 95 -11.37 -4.47 20.94
CA LYS D 95 -10.85 -3.29 20.21
C LYS D 95 -9.45 -3.57 19.66
N TRP D 96 -8.57 -4.22 20.41
CA TRP D 96 -7.20 -4.42 19.89
C TRP D 96 -7.01 -5.65 18.99
N ILE D 97 -7.96 -6.58 19.02
CA ILE D 97 -7.90 -7.80 18.16
C ILE D 97 -8.16 -7.44 16.69
N GLN D 98 -8.87 -6.34 16.46
CA GLN D 98 -9.23 -5.96 15.08
C GLN D 98 -7.89 -5.82 14.37
N CYS D 99 -6.89 -5.28 15.07
CA CYS D 99 -5.59 -5.03 14.40
C CYS D 99 -5.00 -6.33 13.87
N PHE D 100 -5.08 -7.42 14.64
CA PHE D 100 -4.43 -8.68 14.22
C PHE D 100 -5.36 -9.54 13.36
N ASN D 101 -6.03 -8.92 12.38
CA ASN D 101 -6.92 -9.67 11.45
C ASN D 101 -6.13 -10.17 10.23
N ASP D 102 -4.81 -9.99 10.21
CA ASP D 102 -3.93 -10.44 9.10
C ASP D 102 -2.87 -11.44 9.58
N VAL D 103 -2.88 -11.83 10.86
CA VAL D 103 -1.90 -12.80 11.42
C VAL D 103 -2.13 -14.16 10.75
N THR D 104 -1.08 -14.93 10.51
CA THR D 104 -1.22 -16.25 9.86
C THR D 104 -2.06 -17.16 10.75
N ALA D 105 -1.87 -17.07 12.07
CA ALA D 105 -2.58 -18.01 12.98
C ALA D 105 -2.45 -17.62 14.46
N ILE D 106 -3.56 -17.53 15.18
CA ILE D 106 -3.50 -17.28 16.66
C ILE D 106 -2.93 -18.52 17.37
N ILE D 107 -2.00 -18.38 18.30
CA ILE D 107 -1.50 -19.54 19.11
C ILE D 107 -2.21 -19.43 20.46
N PHE D 108 -3.35 -20.10 20.63
CA PHE D 108 -4.05 -20.11 21.95
C PHE D 108 -3.34 -21.13 22.84
N VAL D 109 -3.06 -20.76 24.08
CA VAL D 109 -2.38 -21.69 25.02
C VAL D 109 -3.30 -21.84 26.21
N VAL D 110 -3.57 -23.07 26.65
CA VAL D 110 -4.51 -23.30 27.78
C VAL D 110 -3.80 -24.13 28.83
N ASP D 111 -4.00 -23.81 30.11
CA ASP D 111 -3.43 -24.63 31.21
C ASP D 111 -4.43 -25.76 31.49
N SER D 112 -4.11 -26.98 31.06
CA SER D 112 -5.01 -28.15 31.28
C SER D 112 -5.18 -28.38 32.78
N SER D 113 -4.13 -28.14 33.57
CA SER D 113 -4.18 -28.42 35.03
C SER D 113 -5.27 -27.59 35.72
N ASP D 114 -5.47 -26.33 35.33
CA ASP D 114 -6.44 -25.48 36.07
C ASP D 114 -7.85 -25.74 35.54
N TYR D 115 -8.55 -26.71 36.16
CA TYR D 115 -9.94 -27.05 35.74
C TYR D 115 -10.86 -25.85 36.02
N ASN D 116 -10.64 -25.16 37.13
CA ASN D 116 -11.50 -24.02 37.50
C ASN D 116 -11.43 -22.97 36.39
N ARG D 117 -10.22 -22.67 35.93
CA ARG D 117 -10.03 -21.60 34.91
C ARG D 117 -10.23 -22.19 33.50
N LEU D 118 -10.47 -23.50 33.41
CA LEU D 118 -10.61 -24.16 32.09
C LEU D 118 -11.90 -23.66 31.43
N GLN D 119 -12.95 -23.44 32.21
CA GLN D 119 -14.25 -22.99 31.63
C GLN D 119 -14.06 -21.53 31.23
N GLU D 120 -13.21 -20.79 31.92
CA GLU D 120 -12.87 -19.39 31.54
C GLU D 120 -12.12 -19.46 30.21
N ALA D 121 -11.22 -20.43 30.06
CA ALA D 121 -10.40 -20.61 28.84
C ALA D 121 -11.29 -20.94 27.66
N LEU D 122 -12.33 -21.77 27.84
CA LEU D 122 -13.23 -22.23 26.75
C LEU D 122 -14.09 -21.07 26.27
N ASN D 123 -14.38 -20.09 27.13
CA ASN D 123 -15.13 -18.86 26.78
C ASN D 123 -14.27 -17.92 25.95
N LEU D 124 -12.97 -17.78 26.29
CA LEU D 124 -12.06 -16.94 25.47
C LEU D 124 -11.94 -17.56 24.07
N PHE D 125 -11.81 -18.88 23.97
CA PHE D 125 -11.67 -19.55 22.67
C PHE D 125 -12.92 -19.25 21.87
N LYS D 126 -14.08 -19.33 22.51
CA LYS D 126 -15.37 -19.08 21.83
C LYS D 126 -15.45 -17.62 21.37
N SER D 127 -14.98 -16.68 22.17
CA SER D 127 -14.95 -15.25 21.81
C SER D 127 -14.00 -15.02 20.64
N ILE D 128 -12.88 -15.73 20.61
CA ILE D 128 -11.82 -15.50 19.59
C ILE D 128 -12.23 -16.23 18.31
N TRP D 129 -12.74 -17.44 18.44
CA TRP D 129 -13.13 -18.26 17.25
C TRP D 129 -14.29 -17.59 16.53
N ASN D 130 -15.22 -17.03 17.29
CA ASN D 130 -16.44 -16.46 16.67
C ASN D 130 -16.31 -14.95 16.42
N ASN D 131 -15.12 -14.39 16.65
CA ASN D 131 -14.91 -12.93 16.47
C ASN D 131 -15.11 -12.55 15.01
N ARG D 132 -15.60 -11.34 14.76
CA ARG D 132 -15.90 -10.88 13.38
C ARG D 132 -14.62 -10.80 12.56
N TRP D 133 -13.53 -10.34 13.16
CA TRP D 133 -12.29 -10.11 12.37
C TRP D 133 -11.44 -11.38 12.29
N LEU D 134 -11.50 -12.22 13.31
CA LEU D 134 -10.69 -13.45 13.32
C LEU D 134 -11.51 -14.60 12.72
N ARG D 135 -12.39 -14.28 11.77
CA ARG D 135 -13.27 -15.32 11.16
C ARG D 135 -12.52 -16.16 10.13
N THR D 136 -11.42 -15.64 9.58
CA THR D 136 -10.61 -16.46 8.63
C THR D 136 -9.27 -16.87 9.25
N ILE D 137 -9.05 -16.62 10.55
CA ILE D 137 -7.71 -16.91 11.14
C ILE D 137 -7.76 -18.25 11.89
N SER D 138 -6.97 -19.23 11.45
CA SER D 138 -6.90 -20.56 12.12
C SER D 138 -6.19 -20.45 13.46
N VAL D 139 -6.55 -21.32 14.41
CA VAL D 139 -5.95 -21.27 15.77
C VAL D 139 -5.07 -22.50 15.98
N ILE D 140 -3.88 -22.32 16.54
CA ILE D 140 -2.96 -23.47 16.83
C ILE D 140 -3.05 -23.78 18.33
N LEU D 141 -4.18 -24.31 18.78
CA LEU D 141 -4.36 -24.51 20.24
C LEU D 141 -3.24 -25.38 20.82
N PHE D 142 -2.69 -24.98 21.97
CA PHE D 142 -1.60 -25.73 22.63
C PHE D 142 -1.98 -25.97 24.08
N LEU D 143 -2.59 -27.12 24.35
CA LEU D 143 -2.92 -27.47 25.74
C LEU D 143 -1.57 -27.66 26.43
N ASN D 144 -1.22 -26.77 27.34
CA ASN D 144 0.13 -26.81 27.96
C ASN D 144 0.03 -27.51 29.30
N LYS D 145 1.16 -27.74 29.95
CA LYS D 145 1.13 -28.32 31.32
C LYS D 145 0.35 -29.63 31.33
N GLN D 146 0.52 -30.44 30.28
CA GLN D 146 -0.13 -31.77 30.25
C GLN D 146 0.45 -32.62 31.38
N ASP D 147 1.72 -32.39 31.74
CA ASP D 147 2.35 -33.12 32.85
C ASP D 147 1.55 -32.89 34.14
N LEU D 148 1.31 -31.62 34.47
CA LEU D 148 0.47 -31.30 35.66
C LEU D 148 -0.83 -32.08 35.62
N LEU D 149 -1.52 -32.07 34.46
CA LEU D 149 -2.85 -32.72 34.38
C LEU D 149 -2.68 -34.20 34.69
N ALA D 150 -1.62 -34.83 34.17
CA ALA D 150 -1.42 -36.26 34.40
C ALA D 150 -1.25 -36.51 35.90
N GLU D 151 -0.47 -35.66 36.57
CA GLU D 151 -0.19 -35.85 38.01
C GLU D 151 -1.52 -35.73 38.77
N LYS D 152 -2.33 -34.74 38.44
CA LYS D 152 -3.60 -34.53 39.17
C LYS D 152 -4.52 -35.73 38.96
N VAL D 153 -4.60 -36.23 37.73
CA VAL D 153 -5.52 -37.36 37.44
C VAL D 153 -5.07 -38.58 38.26
N LEU D 154 -3.76 -38.85 38.26
CA LEU D 154 -3.22 -40.02 39.02
C LEU D 154 -3.43 -39.81 40.51
N ALA D 155 -3.17 -38.60 41.01
CA ALA D 155 -3.27 -38.33 42.46
C ALA D 155 -4.71 -38.46 42.96
N GLY D 156 -5.69 -38.00 42.17
CA GLY D 156 -7.08 -37.97 42.65
C GLY D 156 -7.38 -36.60 43.21
N LYS D 157 -8.20 -36.50 44.27
CA LYS D 157 -8.47 -35.19 44.93
C LYS D 157 -9.26 -34.27 44.00
N SER D 158 -8.70 -33.96 42.83
CA SER D 158 -9.36 -33.04 41.87
C SER D 158 -10.00 -33.87 40.76
N LYS D 159 -11.32 -33.81 40.64
CA LYS D 159 -12.02 -34.62 39.62
C LYS D 159 -12.52 -33.70 38.51
N ILE D 160 -12.20 -34.02 37.25
CA ILE D 160 -12.59 -33.20 36.07
C ILE D 160 -14.11 -33.30 36.03
N GLU D 161 -14.68 -34.37 36.60
CA GLU D 161 -16.15 -34.57 36.66
C GLU D 161 -16.80 -33.46 37.47
N ASP D 162 -16.18 -33.07 38.59
CA ASP D 162 -16.76 -32.03 39.48
C ASP D 162 -16.83 -30.69 38.73
N TYR D 163 -15.76 -30.29 38.06
CA TYR D 163 -15.70 -29.01 37.33
C TYR D 163 -16.59 -29.09 36.09
N PHE D 164 -16.60 -30.23 35.39
CA PHE D 164 -17.41 -30.44 34.17
C PHE D 164 -18.20 -31.75 34.32
N PRO D 165 -19.55 -31.74 34.39
CA PRO D 165 -20.33 -32.97 34.64
C PRO D 165 -20.24 -33.98 33.49
N GLU D 166 -20.07 -33.50 32.26
CA GLU D 166 -20.07 -34.37 31.04
C GLU D 166 -18.91 -35.37 31.09
N PHE D 167 -17.86 -35.14 31.86
CA PHE D 167 -16.64 -36.00 31.82
C PHE D 167 -16.97 -37.46 32.13
N ALA D 168 -17.85 -37.79 33.09
CA ALA D 168 -18.12 -39.18 33.49
C ALA D 168 -18.70 -39.94 32.29
N ARG D 169 -19.59 -39.30 31.52
CA ARG D 169 -20.13 -39.92 30.29
C ARG D 169 -19.02 -40.09 29.24
N TYR D 170 -18.07 -39.16 29.17
CA TYR D 170 -17.06 -39.17 28.08
C TYR D 170 -16.25 -40.47 28.01
N THR D 171 -15.91 -40.91 26.80
CA THR D 171 -15.00 -42.08 26.67
C THR D 171 -13.84 -41.64 25.77
N THR D 172 -12.66 -42.23 25.96
CA THR D 172 -11.48 -41.84 25.15
C THR D 172 -11.85 -42.00 23.68
N PRO D 173 -11.60 -41.05 22.74
CA PRO D 173 -11.93 -41.30 21.33
C PRO D 173 -11.17 -42.54 20.84
N GLU D 174 -11.81 -43.36 20.01
CA GLU D 174 -11.14 -44.55 19.44
C GLU D 174 -9.98 -44.09 18.56
N ASP D 175 -10.19 -43.02 17.80
CA ASP D 175 -9.14 -42.48 16.89
C ASP D 175 -7.96 -41.98 17.70
N ALA D 176 -8.18 -41.60 18.96
CA ALA D 176 -7.10 -40.98 19.77
C ALA D 176 -5.90 -41.92 19.87
N THR D 177 -4.70 -41.36 19.72
CA THR D 177 -3.47 -42.17 19.89
C THR D 177 -2.82 -41.74 21.20
N PRO D 178 -2.70 -42.63 22.21
CA PRO D 178 -2.15 -42.24 23.50
C PRO D 178 -0.62 -42.26 23.53
N GLU D 179 -0.01 -41.32 24.28
CA GLU D 179 1.47 -41.40 24.45
C GLU D 179 1.81 -42.68 25.21
N PRO D 180 3.03 -43.23 25.11
CA PRO D 180 3.33 -44.52 25.75
C PRO D 180 3.19 -44.57 27.27
N GLY D 181 2.44 -45.57 27.77
CA GLY D 181 2.35 -45.77 29.23
C GLY D 181 1.29 -44.90 29.90
N GLU D 182 0.72 -43.95 29.15
CA GLU D 182 -0.26 -43.02 29.77
C GLU D 182 -1.47 -43.83 30.25
N ASP D 183 -1.84 -43.66 31.52
CA ASP D 183 -3.05 -44.35 32.05
C ASP D 183 -4.25 -43.99 31.16
N PRO D 184 -5.24 -44.89 30.99
CA PRO D 184 -6.36 -44.61 30.11
C PRO D 184 -7.08 -43.37 30.61
N ARG D 185 -7.19 -43.22 31.94
CA ARG D 185 -7.89 -42.05 32.52
C ARG D 185 -7.16 -40.76 32.12
N VAL D 186 -5.83 -40.78 32.16
CA VAL D 186 -5.04 -39.58 31.76
C VAL D 186 -5.34 -39.30 30.29
N THR D 187 -5.37 -40.34 29.47
CA THR D 187 -5.67 -40.16 28.03
C THR D 187 -7.10 -39.61 27.89
N ARG D 188 -8.03 -40.15 28.69
CA ARG D 188 -9.44 -39.69 28.59
C ARG D 188 -9.49 -38.22 28.98
N ALA D 189 -8.81 -37.86 30.06
CA ALA D 189 -8.85 -36.47 30.55
C ALA D 189 -8.30 -35.54 29.47
N LYS D 190 -7.12 -35.85 28.95
CA LYS D 190 -6.47 -35.00 27.94
C LYS D 190 -7.40 -34.81 26.75
N TYR D 191 -8.09 -35.86 26.32
CA TYR D 191 -8.93 -35.74 25.11
C TYR D 191 -10.27 -35.06 25.43
N PHE D 192 -10.70 -35.10 26.68
CA PHE D 192 -11.92 -34.39 27.11
C PHE D 192 -11.65 -32.90 26.98
N ILE D 193 -10.52 -32.41 27.51
CA ILE D 193 -10.15 -30.97 27.48
C ILE D 193 -10.12 -30.62 25.99
N ARG D 194 -9.41 -31.40 25.17
CA ARG D 194 -9.24 -31.05 23.75
C ARG D 194 -10.59 -30.98 23.07
N ASP D 195 -11.49 -31.92 23.37
CA ASP D 195 -12.80 -31.99 22.66
C ASP D 195 -13.68 -30.78 22.93
N GLU D 196 -13.58 -30.21 24.14
CA GLU D 196 -14.36 -29.00 24.49
C GLU D 196 -13.94 -27.86 23.57
N PHE D 197 -12.65 -27.67 23.35
CA PHE D 197 -12.13 -26.58 22.48
C PHE D 197 -12.54 -26.92 21.04
N LEU D 198 -12.49 -28.19 20.66
CA LEU D 198 -12.85 -28.63 19.29
C LEU D 198 -14.35 -28.45 19.07
N ARG D 199 -15.16 -28.70 20.10
CA ARG D 199 -16.63 -28.63 19.90
C ARG D 199 -16.98 -27.21 19.49
N ILE D 200 -16.37 -26.22 20.13
CA ILE D 200 -16.62 -24.79 19.78
C ILE D 200 -16.18 -24.57 18.34
N SER D 201 -15.01 -25.09 17.98
CA SER D 201 -14.46 -24.83 16.63
C SER D 201 -15.36 -25.46 15.56
N THR D 202 -15.79 -26.70 15.78
CA THR D 202 -16.61 -27.41 14.77
C THR D 202 -17.95 -26.70 14.61
N ALA D 203 -18.53 -26.24 15.72
CA ALA D 203 -19.88 -25.65 15.68
C ALA D 203 -19.98 -24.46 14.72
N SER D 204 -19.06 -23.50 14.81
CA SER D 204 -19.22 -22.26 14.00
C SER D 204 -18.02 -22.03 13.08
N GLY D 205 -17.88 -22.85 12.05
CA GLY D 205 -16.79 -22.68 11.07
C GLY D 205 -17.26 -23.08 9.68
N ASP D 206 -16.98 -22.26 8.68
CA ASP D 206 -17.42 -22.54 7.29
C ASP D 206 -16.25 -23.16 6.53
N GLY D 207 -15.24 -23.62 7.25
CA GLY D 207 -14.02 -24.12 6.57
C GLY D 207 -13.06 -22.97 6.38
N ARG D 208 -13.49 -21.74 6.73
CA ARG D 208 -12.65 -20.53 6.54
C ARG D 208 -11.39 -20.63 7.40
N HIS D 209 -11.47 -21.34 8.52
CA HIS D 209 -10.34 -21.49 9.43
C HIS D 209 -10.56 -22.72 10.30
N TYR D 210 -9.46 -23.26 10.83
CA TYR D 210 -9.52 -24.53 11.59
C TYR D 210 -8.70 -24.46 12.88
N CYS D 211 -9.03 -25.29 13.86
CA CYS D 211 -8.21 -25.33 15.08
C CYS D 211 -7.24 -26.48 14.93
N TYR D 212 -5.98 -26.27 15.29
CA TYR D 212 -4.95 -27.32 15.21
C TYR D 212 -4.58 -27.64 16.64
N PRO D 213 -5.21 -28.65 17.27
CA PRO D 213 -4.94 -28.91 18.68
C PRO D 213 -3.67 -29.74 18.94
N HIS D 214 -2.79 -29.23 19.79
CA HIS D 214 -1.51 -29.94 20.05
C HIS D 214 -1.26 -30.02 21.55
N PHE D 215 -1.14 -31.24 22.08
CA PHE D 215 -0.84 -31.44 23.51
C PHE D 215 0.63 -31.12 23.72
N THR D 216 0.95 -30.24 24.66
CA THR D 216 2.37 -29.83 24.86
C THR D 216 2.65 -29.74 26.35
N CYS D 217 3.94 -29.70 26.71
CA CYS D 217 4.35 -29.55 28.14
C CYS D 217 5.40 -28.45 28.18
N ALA D 218 5.80 -28.00 29.37
CA ALA D 218 6.87 -26.99 29.48
C ALA D 218 8.18 -27.57 28.93
N VAL D 219 8.46 -28.84 29.23
CA VAL D 219 9.71 -29.51 28.78
C VAL D 219 9.76 -29.59 27.25
N ASP D 220 8.63 -29.83 26.59
CA ASP D 220 8.64 -30.06 25.12
C ASP D 220 9.29 -28.87 24.40
N THR D 221 10.23 -29.15 23.49
CA THR D 221 10.92 -28.08 22.72
C THR D 221 10.51 -28.19 21.24
N GLU D 222 9.50 -29.01 20.95
CA GLU D 222 9.09 -29.27 19.54
C GLU D 222 7.89 -28.39 19.21
N ASN D 223 7.61 -27.36 20.00
CA ASN D 223 6.37 -26.58 19.77
C ASN D 223 6.61 -25.61 18.61
N ALA D 224 7.85 -25.18 18.41
CA ALA D 224 8.16 -24.33 17.24
C ALA D 224 7.97 -25.13 15.95
N ARG D 225 8.40 -26.40 15.94
CA ARG D 225 8.22 -27.27 14.76
C ARG D 225 6.72 -27.46 14.51
N ARG D 226 5.96 -27.70 15.58
CA ARG D 226 4.49 -27.88 15.43
C ARG D 226 3.91 -26.67 14.70
N ILE D 227 4.24 -25.47 15.16
CA ILE D 227 3.72 -24.22 14.54
C ILE D 227 4.08 -24.23 13.05
N PHE D 228 5.34 -24.55 12.75
CA PHE D 228 5.80 -24.57 11.34
C PHE D 228 4.85 -25.43 10.52
N ASN D 229 4.67 -26.68 10.94
CA ASN D 229 3.86 -27.64 10.19
C ASN D 229 2.41 -27.18 10.05
N ASP D 230 1.81 -26.57 11.07
CA ASP D 230 0.40 -26.13 11.05
C ASP D 230 0.20 -24.85 10.25
N CYS D 231 1.15 -23.93 10.26
CA CYS D 231 1.09 -22.70 9.44
C CYS D 231 1.28 -23.08 7.98
N LYS D 232 2.04 -24.15 7.72
CA LYS D 232 2.22 -24.65 6.34
C LYS D 232 0.87 -25.15 5.85
N ASP D 233 0.05 -25.77 6.70
CA ASP D 233 -1.31 -26.22 6.30
C ASP D 233 -2.29 -25.04 6.10
N ILE D 234 -2.26 -24.03 6.95
CA ILE D 234 -3.14 -22.84 6.85
C ILE D 234 -2.85 -22.16 5.52
N ILE D 235 -1.58 -21.86 5.28
CA ILE D 235 -1.19 -21.19 4.01
C ILE D 235 -1.52 -22.12 2.83
N LEU D 236 -1.27 -23.42 2.98
CA LEU D 236 -1.63 -24.37 1.90
C LEU D 236 -3.10 -24.19 1.57
N GLN D 237 -4.00 -24.35 2.54
CA GLN D 237 -5.46 -24.28 2.26
C GLN D 237 -5.83 -22.92 1.69
N MET D 238 -5.21 -21.85 2.17
CA MET D 238 -5.45 -20.50 1.61
C MET D 238 -4.95 -20.45 0.16
N ASN D 239 -3.73 -20.94 -0.07
CA ASN D 239 -3.14 -20.93 -1.44
C ASN D 239 -4.05 -21.73 -2.37
N LEU D 240 -4.54 -22.89 -1.91
CA LEU D 240 -5.38 -23.75 -2.78
C LEU D 240 -6.56 -22.92 -3.31
N ARG D 241 -7.22 -22.16 -2.43
CA ARG D 241 -8.37 -21.32 -2.86
C ARG D 241 -7.86 -20.10 -3.63
N GLU D 242 -6.78 -19.48 -3.16
CA GLU D 242 -6.25 -18.25 -3.82
C GLU D 242 -5.87 -18.58 -5.26
N TYR D 243 -5.24 -19.73 -5.49
CA TYR D 243 -4.79 -20.12 -6.85
C TYR D 243 -5.97 -20.73 -7.62
N ASN D 244 -7.19 -20.58 -7.11
CA ASN D 244 -8.39 -21.07 -7.83
C ASN D 244 -8.30 -22.57 -8.11
N LEU D 245 -7.61 -23.32 -7.25
CA LEU D 245 -7.51 -24.79 -7.43
C LEU D 245 -8.65 -25.45 -6.67
N VAL D 246 -8.98 -24.94 -5.48
CA VAL D 246 -10.11 -25.47 -4.67
C VAL D 246 -11.03 -24.27 -4.34
N PRO E 69 -4.20 -28.39 -61.37
CA PRO E 69 -5.31 -29.02 -60.64
C PRO E 69 -4.88 -29.33 -59.20
N ASN E 70 -5.19 -28.43 -58.26
CA ASN E 70 -4.82 -28.63 -56.84
C ASN E 70 -5.48 -29.91 -56.33
N GLN E 71 -4.69 -30.83 -55.77
CA GLN E 71 -5.25 -32.13 -55.31
C GLN E 71 -5.78 -31.96 -53.90
N PHE E 72 -5.59 -30.77 -53.31
CA PHE E 72 -6.00 -30.57 -51.90
C PHE E 72 -7.40 -29.96 -51.86
N VAL E 73 -8.14 -30.01 -52.97
CA VAL E 73 -9.56 -29.59 -52.94
C VAL E 73 -10.35 -30.76 -52.35
N GLN E 74 -11.36 -30.49 -51.52
CA GLN E 74 -12.14 -31.57 -50.88
C GLN E 74 -13.64 -31.35 -51.12
N PRO E 75 -14.46 -32.40 -51.23
CA PRO E 75 -15.91 -32.27 -51.43
C PRO E 75 -16.61 -31.43 -50.35
N ALA E 76 -17.71 -30.77 -50.70
CA ALA E 76 -18.43 -29.88 -49.76
C ALA E 76 -18.77 -30.70 -48.51
N TRP E 77 -19.17 -31.96 -48.65
CA TRP E 77 -19.57 -32.81 -47.50
C TRP E 77 -18.37 -32.99 -46.58
N GLN E 78 -17.17 -33.25 -47.11
CA GLN E 78 -15.97 -33.34 -46.22
C GLN E 78 -15.77 -32.00 -45.52
N ILE E 79 -15.77 -30.91 -46.27
CA ILE E 79 -15.51 -29.58 -45.66
C ILE E 79 -16.47 -29.38 -44.50
N VAL E 80 -17.74 -29.76 -44.68
CA VAL E 80 -18.75 -29.48 -43.61
C VAL E 80 -18.36 -30.20 -42.33
N LEU E 81 -17.93 -31.46 -42.44
CA LEU E 81 -17.61 -32.23 -41.20
C LEU E 81 -16.44 -31.55 -40.50
N TRP E 82 -15.42 -31.16 -41.27
CA TRP E 82 -14.24 -30.47 -40.68
C TRP E 82 -14.69 -29.12 -40.11
N ALA E 83 -15.58 -28.42 -40.81
CA ALA E 83 -16.01 -27.08 -40.36
C ALA E 83 -16.70 -27.23 -39.01
N ALA E 84 -17.54 -28.24 -38.86
CA ALA E 84 -18.28 -28.42 -37.60
C ALA E 84 -17.28 -28.66 -36.45
N ALA E 85 -16.29 -29.52 -36.67
CA ALA E 85 -15.27 -29.76 -35.62
C ALA E 85 -14.59 -28.45 -35.24
N TYR E 86 -14.02 -27.78 -36.25
CA TYR E 86 -13.28 -26.51 -35.99
C TYR E 86 -14.24 -25.47 -35.41
N THR E 87 -15.49 -25.44 -35.88
CA THR E 87 -16.48 -24.49 -35.33
C THR E 87 -16.59 -24.72 -33.83
N VAL E 88 -16.90 -25.96 -33.42
CA VAL E 88 -16.98 -26.29 -31.97
C VAL E 88 -15.72 -25.76 -31.30
N ILE E 89 -14.54 -26.15 -31.80
CA ILE E 89 -13.28 -25.72 -31.12
C ILE E 89 -13.27 -24.20 -31.01
N VAL E 90 -13.19 -23.49 -32.14
CA VAL E 90 -13.05 -22.00 -32.09
C VAL E 90 -14.06 -21.39 -31.13
N VAL E 91 -15.36 -21.58 -31.39
CA VAL E 91 -16.37 -20.87 -30.55
C VAL E 91 -16.12 -21.20 -29.07
N THR E 92 -16.10 -22.49 -28.71
CA THR E 92 -15.98 -22.84 -27.27
C THR E 92 -14.76 -22.13 -26.71
N SER E 93 -13.62 -22.30 -27.35
CA SER E 93 -12.36 -21.73 -26.82
C SER E 93 -12.47 -20.22 -26.55
N VAL E 94 -12.77 -19.42 -27.58
CA VAL E 94 -12.75 -17.96 -27.33
C VAL E 94 -13.78 -17.61 -26.26
N VAL E 95 -14.97 -18.21 -26.32
CA VAL E 95 -16.04 -17.86 -25.34
C VAL E 95 -15.40 -18.06 -23.96
N GLY E 96 -14.91 -19.27 -23.69
CA GLY E 96 -14.36 -19.54 -22.34
C GLY E 96 -13.22 -18.62 -22.00
N ASN E 97 -12.24 -18.49 -22.88
CA ASN E 97 -11.03 -17.70 -22.57
C ASN E 97 -11.45 -16.25 -22.35
N VAL E 98 -12.32 -15.73 -23.22
CA VAL E 98 -12.72 -14.30 -23.07
C VAL E 98 -13.40 -14.14 -21.72
N VAL E 99 -14.30 -15.06 -21.38
CA VAL E 99 -15.03 -14.95 -20.09
C VAL E 99 -14.02 -15.03 -18.95
N VAL E 100 -13.07 -15.95 -19.05
CA VAL E 100 -12.02 -16.10 -18.00
C VAL E 100 -11.21 -14.81 -17.94
N MET E 101 -10.81 -14.28 -19.10
CA MET E 101 -10.06 -13.00 -19.13
C MET E 101 -10.92 -11.91 -18.46
N TRP E 102 -12.25 -11.98 -18.66
CA TRP E 102 -13.12 -10.91 -18.12
C TRP E 102 -13.29 -11.11 -16.62
N ILE E 103 -13.69 -12.31 -16.20
CA ILE E 103 -13.96 -12.57 -14.75
C ILE E 103 -12.82 -11.95 -13.94
N ILE E 104 -11.59 -12.30 -14.30
CA ILE E 104 -10.40 -11.84 -13.52
C ILE E 104 -10.36 -10.31 -13.50
N LEU E 105 -10.51 -9.67 -14.66
CA LEU E 105 -10.36 -8.20 -14.71
C LEU E 105 -11.60 -7.50 -14.15
N ALA E 106 -12.80 -8.02 -14.44
CA ALA E 106 -14.04 -7.34 -13.99
C ALA E 106 -14.09 -7.29 -12.47
N HIS E 107 -13.81 -8.40 -11.80
CA HIS E 107 -13.97 -8.38 -10.32
C HIS E 107 -12.61 -8.10 -9.66
N LYS E 108 -12.53 -7.03 -8.88
CA LYS E 108 -11.26 -6.68 -8.17
C LYS E 108 -10.87 -7.85 -7.27
N ARG E 109 -11.87 -8.52 -6.68
CA ARG E 109 -11.59 -9.71 -5.82
C ARG E 109 -10.82 -10.75 -6.64
N MET E 110 -11.18 -10.94 -7.92
CA MET E 110 -10.52 -11.95 -8.78
C MET E 110 -9.24 -11.36 -9.40
N ARG E 111 -9.03 -10.06 -9.27
CA ARG E 111 -7.84 -9.41 -9.88
C ARG E 111 -6.70 -9.39 -8.86
N THR E 112 -5.89 -10.45 -8.84
CA THR E 112 -4.76 -10.54 -7.87
C THR E 112 -3.47 -10.89 -8.61
N VAL E 113 -2.32 -10.70 -7.96
CA VAL E 113 -1.03 -11.08 -8.60
C VAL E 113 -1.12 -12.57 -8.95
N THR E 114 -1.87 -13.34 -8.17
CA THR E 114 -1.98 -14.79 -8.39
C THR E 114 -2.63 -15.07 -9.75
N ASN E 115 -3.61 -14.27 -10.14
CA ASN E 115 -4.35 -14.56 -11.40
C ASN E 115 -3.73 -13.80 -12.58
N TYR E 116 -2.53 -13.25 -12.40
CA TYR E 116 -1.85 -12.58 -13.54
C TYR E 116 -1.51 -13.62 -14.61
N PHE E 117 -0.94 -14.74 -14.20
CA PHE E 117 -0.53 -15.78 -15.17
C PHE E 117 -1.77 -16.39 -15.80
N LEU E 118 -2.87 -16.52 -15.06
CA LEU E 118 -4.10 -17.19 -15.57
C LEU E 118 -4.73 -16.33 -16.65
N VAL E 119 -4.76 -15.02 -16.46
CA VAL E 119 -5.29 -14.10 -17.53
C VAL E 119 -4.35 -14.14 -18.73
N ASN E 120 -3.03 -14.19 -18.49
CA ASN E 120 -2.04 -14.26 -19.59
C ASN E 120 -2.28 -15.55 -20.39
N LEU E 121 -2.50 -16.66 -19.69
CA LEU E 121 -2.74 -17.97 -20.36
C LEU E 121 -4.03 -17.88 -21.17
N ALA E 122 -5.08 -17.27 -20.61
CA ALA E 122 -6.38 -17.19 -21.31
C ALA E 122 -6.23 -16.36 -22.59
N PHE E 123 -5.47 -15.26 -22.53
CA PHE E 123 -5.30 -14.38 -23.71
C PHE E 123 -4.66 -15.19 -24.84
N ALA E 124 -3.44 -15.69 -24.63
CA ALA E 124 -2.71 -16.44 -25.67
C ALA E 124 -3.55 -17.56 -26.27
N GLU E 125 -4.38 -18.23 -25.44
CA GLU E 125 -5.15 -19.38 -25.97
C GLU E 125 -6.32 -18.88 -26.83
N ALA E 126 -7.04 -17.84 -26.39
CA ALA E 126 -8.12 -17.27 -27.24
C ALA E 126 -7.48 -16.79 -28.54
N SER E 127 -6.30 -16.20 -28.44
CA SER E 127 -5.62 -15.71 -29.65
C SER E 127 -5.41 -16.88 -30.59
N MET E 128 -4.83 -18.00 -30.12
CA MET E 128 -4.55 -19.09 -31.09
C MET E 128 -5.86 -19.70 -31.57
N ALA E 129 -6.91 -19.66 -30.74
CA ALA E 129 -8.22 -20.24 -31.13
C ALA E 129 -8.80 -19.43 -32.29
N ALA E 130 -8.68 -18.11 -32.24
CA ALA E 130 -9.29 -17.26 -33.29
C ALA E 130 -8.30 -17.10 -34.43
N PHE E 131 -7.02 -16.89 -34.12
CA PHE E 131 -6.01 -16.59 -35.16
C PHE E 131 -5.49 -17.88 -35.81
N ASN E 132 -4.72 -18.67 -35.06
CA ASN E 132 -4.07 -19.87 -35.64
C ASN E 132 -5.11 -20.87 -36.16
N THR E 133 -6.26 -21.01 -35.50
CA THR E 133 -7.20 -22.07 -35.92
C THR E 133 -8.02 -21.62 -37.13
N VAL E 134 -8.72 -20.49 -37.05
CA VAL E 134 -9.63 -20.08 -38.16
C VAL E 134 -8.80 -19.91 -39.42
N VAL E 135 -7.72 -19.14 -39.34
CA VAL E 135 -6.91 -18.85 -40.55
C VAL E 135 -6.36 -20.15 -41.14
N ASN E 136 -5.78 -21.01 -40.30
CA ASN E 136 -5.17 -22.24 -40.87
C ASN E 136 -6.27 -23.11 -41.48
N PHE E 137 -7.49 -23.01 -40.96
CA PHE E 137 -8.57 -23.91 -41.44
C PHE E 137 -8.78 -23.73 -42.94
N THR E 138 -8.97 -22.50 -43.42
CA THR E 138 -9.25 -22.26 -44.86
C THR E 138 -8.07 -22.73 -45.71
N TYR E 139 -6.85 -22.47 -45.20
CA TYR E 139 -5.61 -22.86 -45.92
C TYR E 139 -5.55 -24.39 -46.07
N ALA E 140 -5.93 -25.15 -45.04
CA ALA E 140 -5.99 -26.61 -45.16
C ALA E 140 -7.11 -27.01 -46.12
N VAL E 141 -8.28 -26.38 -46.01
CA VAL E 141 -9.44 -26.65 -46.91
C VAL E 141 -9.01 -26.64 -48.38
N HIS E 142 -8.36 -25.61 -48.90
CA HIS E 142 -8.02 -25.72 -50.35
C HIS E 142 -6.51 -25.55 -50.54
N ASN E 143 -5.73 -25.50 -49.45
CA ASN E 143 -4.27 -25.22 -49.55
C ASN E 143 -4.05 -23.93 -50.37
N GLU E 144 -4.97 -22.99 -50.22
CA GLU E 144 -4.88 -21.72 -50.98
C GLU E 144 -4.71 -20.64 -49.91
N TRP E 145 -3.80 -19.71 -50.13
CA TRP E 145 -3.58 -18.60 -49.16
C TRP E 145 -4.41 -17.39 -49.58
N TYR E 146 -5.57 -17.19 -48.93
CA TYR E 146 -6.46 -16.05 -49.28
C TYR E 146 -6.17 -14.87 -48.36
N TYR E 147 -4.91 -14.68 -47.97
CA TYR E 147 -4.60 -13.61 -46.98
C TYR E 147 -3.51 -12.66 -47.50
N GLY E 148 -2.67 -13.12 -48.43
CA GLY E 148 -1.63 -12.24 -49.02
C GLY E 148 -0.32 -12.29 -48.26
N LEU E 149 0.77 -11.79 -48.86
CA LEU E 149 2.12 -11.90 -48.23
C LEU E 149 2.14 -11.26 -46.83
N PHE E 150 1.48 -10.10 -46.69
CA PHE E 150 1.51 -9.39 -45.39
C PHE E 150 0.92 -10.30 -44.31
N TYR E 151 -0.28 -10.82 -44.55
CA TYR E 151 -0.95 -11.66 -43.53
C TYR E 151 -0.18 -12.97 -43.41
N CYS E 152 0.49 -13.43 -44.47
CA CYS E 152 1.34 -14.65 -44.36
C CYS E 152 2.40 -14.39 -43.29
N LYS E 153 3.13 -13.28 -43.39
CA LYS E 153 4.12 -12.93 -42.34
C LYS E 153 3.41 -12.84 -40.99
N PHE E 154 2.25 -12.16 -40.94
CA PHE E 154 1.58 -11.95 -39.64
C PHE E 154 1.29 -13.30 -38.99
N HIS E 155 0.83 -14.29 -39.77
CA HIS E 155 0.43 -15.62 -39.25
C HIS E 155 1.63 -16.45 -38.79
N ASN E 156 2.73 -16.41 -39.54
CA ASN E 156 3.94 -17.15 -39.07
C ASN E 156 4.62 -16.40 -37.90
N PHE E 157 4.13 -15.21 -37.54
CA PHE E 157 4.73 -14.54 -36.35
C PHE E 157 3.83 -14.64 -35.10
N PHE E 158 2.86 -13.74 -34.91
CA PHE E 158 2.03 -13.63 -33.68
C PHE E 158 1.23 -14.91 -33.42
N PRO E 159 0.39 -15.46 -34.35
CA PRO E 159 -0.38 -16.67 -34.03
C PRO E 159 0.53 -17.81 -33.56
N ILE E 160 1.69 -17.98 -34.22
CA ILE E 160 2.62 -19.08 -33.86
C ILE E 160 3.26 -18.77 -32.50
N ALA E 161 3.56 -17.51 -32.23
CA ALA E 161 4.11 -17.13 -30.90
C ALA E 161 3.03 -17.34 -29.84
N ALA E 162 1.77 -17.03 -30.15
CA ALA E 162 0.66 -17.27 -29.19
C ALA E 162 0.69 -18.73 -28.76
N VAL E 163 1.01 -19.64 -29.70
CA VAL E 163 1.06 -21.09 -29.37
C VAL E 163 2.19 -21.29 -28.36
N PHE E 164 3.34 -20.69 -28.62
CA PHE E 164 4.50 -20.84 -27.71
C PHE E 164 4.16 -20.19 -26.37
N ALA E 165 3.51 -19.02 -26.41
CA ALA E 165 3.20 -18.28 -25.17
C ALA E 165 2.28 -19.12 -24.30
N SER E 166 1.28 -19.76 -24.92
CA SER E 166 0.31 -20.53 -24.11
C SER E 166 1.06 -21.64 -23.40
N ILE E 167 1.97 -22.31 -24.11
CA ILE E 167 2.72 -23.49 -23.56
C ILE E 167 3.66 -23.01 -22.46
N TYR E 168 4.26 -21.83 -22.62
CA TYR E 168 5.15 -21.29 -21.57
C TYR E 168 4.32 -20.73 -20.41
N SER E 169 3.16 -20.15 -20.71
CA SER E 169 2.27 -19.67 -19.63
C SER E 169 1.84 -20.86 -18.78
N MET E 170 1.56 -21.99 -19.43
CA MET E 170 1.15 -23.21 -18.70
C MET E 170 2.32 -23.61 -17.79
N THR E 171 3.58 -23.32 -18.18
CA THR E 171 4.79 -23.65 -17.38
C THR E 171 4.97 -22.64 -16.23
N ALA E 172 4.46 -21.42 -16.39
CA ALA E 172 4.51 -20.41 -15.32
C ALA E 172 3.51 -20.72 -14.21
N VAL E 173 2.26 -20.99 -14.60
CA VAL E 173 1.22 -21.31 -13.60
C VAL E 173 1.65 -22.59 -12.89
N ALA E 174 2.28 -23.51 -13.60
CA ALA E 174 2.77 -24.75 -12.97
C ALA E 174 3.80 -24.40 -11.90
N PHE E 175 4.73 -23.51 -12.22
CA PHE E 175 5.74 -23.08 -11.22
C PHE E 175 5.03 -22.45 -10.03
N ASP E 176 4.11 -21.53 -10.31
CA ASP E 176 3.36 -20.86 -9.22
C ASP E 176 2.74 -21.94 -8.36
N ARG E 177 1.97 -22.83 -8.97
CA ARG E 177 1.27 -23.89 -8.21
C ARG E 177 2.31 -24.71 -7.44
N TYR E 178 3.47 -25.02 -8.05
CA TYR E 178 4.45 -25.88 -7.36
C TYR E 178 4.93 -25.17 -6.10
N MET E 179 5.28 -23.90 -6.22
CA MET E 179 5.81 -23.15 -5.05
C MET E 179 4.70 -23.03 -4.01
N ALA E 180 3.47 -22.78 -4.44
CA ALA E 180 2.36 -22.53 -3.50
C ALA E 180 1.91 -23.82 -2.81
N ILE E 181 2.26 -24.99 -3.36
CA ILE E 181 1.88 -26.25 -2.66
C ILE E 181 3.10 -26.87 -1.98
N ILE E 182 4.21 -27.01 -2.69
CA ILE E 182 5.42 -27.68 -2.12
C ILE E 182 6.08 -26.82 -1.04
N HIS E 183 6.20 -25.52 -1.27
CA HIS E 183 6.80 -24.60 -0.25
C HIS E 183 5.77 -23.53 0.08
N PRO E 184 4.66 -23.82 0.81
CA PRO E 184 3.61 -22.82 1.00
C PRO E 184 4.13 -21.58 1.75
N LEU E 185 4.96 -21.78 2.77
CA LEU E 185 5.39 -20.62 3.59
C LEU E 185 6.14 -19.61 2.74
N GLN E 186 6.95 -20.05 1.79
CA GLN E 186 7.77 -19.08 1.01
C GLN E 186 6.84 -18.10 0.31
N PRO E 187 7.11 -16.78 0.34
CA PRO E 187 6.20 -15.80 -0.25
C PRO E 187 6.09 -15.93 -1.77
N ARG E 188 4.98 -15.47 -2.34
CA ARG E 188 4.75 -15.59 -3.81
C ARG E 188 5.73 -14.70 -4.57
N LEU E 189 5.85 -14.90 -5.88
CA LEU E 189 6.71 -14.01 -6.70
C LEU E 189 6.19 -12.57 -6.55
N SER E 190 7.09 -11.61 -6.48
CA SER E 190 6.69 -10.18 -6.39
C SER E 190 5.84 -9.81 -7.61
N ALA E 191 4.90 -8.89 -7.44
CA ALA E 191 4.05 -8.44 -8.57
C ALA E 191 4.95 -8.01 -9.72
N THR E 192 6.04 -7.32 -9.41
CA THR E 192 6.95 -6.82 -10.47
C THR E 192 7.59 -8.01 -11.18
N ALA E 193 8.04 -9.01 -10.42
CA ALA E 193 8.66 -10.21 -11.01
C ALA E 193 7.63 -10.96 -11.84
N THR E 194 6.40 -11.09 -11.32
CA THR E 194 5.31 -11.72 -12.10
C THR E 194 5.20 -11.01 -13.44
N LYS E 195 5.27 -9.68 -13.44
CA LYS E 195 5.08 -8.91 -14.70
C LYS E 195 6.32 -9.12 -15.60
N VAL E 196 7.50 -9.30 -15.02
CA VAL E 196 8.76 -9.62 -15.75
C VAL E 196 8.70 -11.00 -16.41
N VAL E 197 7.96 -11.94 -15.82
CA VAL E 197 7.95 -13.32 -16.37
C VAL E 197 6.93 -13.35 -17.50
N ILE E 198 5.82 -12.63 -17.33
CA ILE E 198 4.82 -12.53 -18.44
C ILE E 198 5.54 -12.01 -19.68
N CYS E 199 6.37 -10.98 -19.51
CA CYS E 199 7.07 -10.39 -20.67
C CYS E 199 8.11 -11.38 -21.22
N VAL E 200 8.91 -11.95 -20.32
CA VAL E 200 9.97 -12.91 -20.74
C VAL E 200 9.28 -13.97 -21.59
N ILE E 201 8.17 -14.55 -21.11
CA ILE E 201 7.42 -15.60 -21.87
C ILE E 201 7.10 -15.06 -23.26
N TRP E 202 6.34 -13.97 -23.32
CA TRP E 202 5.91 -13.42 -24.62
C TRP E 202 7.14 -13.07 -25.45
N VAL E 203 8.18 -12.49 -24.85
CA VAL E 203 9.38 -12.06 -25.63
C VAL E 203 9.97 -13.32 -26.29
N LEU E 204 10.26 -14.35 -25.49
CA LEU E 204 10.92 -15.57 -26.04
C LEU E 204 10.04 -16.18 -27.14
N ALA E 205 8.72 -16.15 -26.94
CA ALA E 205 7.79 -16.72 -27.95
C ALA E 205 7.97 -15.98 -29.27
N LEU E 206 7.92 -14.64 -29.23
CA LEU E 206 8.05 -13.83 -30.47
C LEU E 206 9.41 -14.10 -31.09
N LEU E 207 10.46 -14.20 -30.26
CA LEU E 207 11.83 -14.45 -30.77
C LEU E 207 11.85 -15.79 -31.51
N LEU E 208 11.24 -16.82 -30.92
CA LEU E 208 11.27 -18.17 -31.54
C LEU E 208 10.48 -18.13 -32.86
N ALA E 209 9.37 -17.41 -32.90
CA ALA E 209 8.52 -17.38 -34.10
C ALA E 209 9.13 -16.47 -35.18
N PHE E 210 10.12 -15.65 -34.82
CA PHE E 210 10.67 -14.66 -35.79
C PHE E 210 11.17 -15.36 -37.05
N PRO E 211 12.06 -16.39 -37.01
CA PRO E 211 12.56 -17.00 -38.24
C PRO E 211 11.40 -17.41 -39.16
N GLN E 212 10.34 -17.99 -38.61
CA GLN E 212 9.23 -18.48 -39.49
C GLN E 212 8.54 -17.28 -40.16
N GLY E 213 8.38 -16.17 -39.45
CA GLY E 213 7.82 -14.95 -40.07
C GLY E 213 8.80 -14.30 -41.02
N TYR E 214 10.10 -14.34 -40.71
CA TYR E 214 11.13 -13.66 -41.54
C TYR E 214 11.16 -14.29 -42.94
N TYR E 215 11.21 -15.62 -43.01
CA TYR E 215 11.33 -16.33 -44.32
C TYR E 215 9.94 -16.60 -44.89
N SER E 216 8.90 -15.90 -44.42
CA SER E 216 7.54 -16.06 -44.99
C SER E 216 7.54 -15.59 -46.45
N THR E 217 6.94 -16.37 -47.34
CA THR E 217 6.85 -15.99 -48.78
C THR E 217 5.58 -16.58 -49.40
N THR E 218 4.93 -15.83 -50.29
CA THR E 218 3.66 -16.32 -50.90
C THR E 218 3.89 -16.67 -52.38
N GLU E 219 4.46 -17.85 -52.65
CA GLU E 219 4.62 -18.29 -54.05
C GLU E 219 3.22 -18.45 -54.67
N THR E 220 2.99 -17.84 -55.84
CA THR E 220 1.69 -18.01 -56.54
C THR E 220 1.82 -19.16 -57.55
N MET E 221 1.60 -20.40 -57.11
CA MET E 221 1.63 -21.55 -58.04
C MET E 221 0.46 -21.44 -59.00
N PRO E 222 0.57 -21.95 -60.26
CA PRO E 222 -0.56 -21.94 -61.19
C PRO E 222 -1.80 -22.53 -60.51
N SER E 223 -1.61 -23.60 -59.74
CA SER E 223 -2.75 -24.23 -59.02
C SER E 223 -3.31 -23.31 -57.92
N ARG E 224 -2.46 -22.76 -57.05
CA ARG E 224 -2.99 -21.95 -55.92
C ARG E 224 -1.94 -21.01 -55.35
N VAL E 225 -2.35 -20.10 -54.48
CA VAL E 225 -1.36 -19.21 -53.79
C VAL E 225 -1.01 -19.91 -52.47
N VAL E 226 0.26 -19.92 -52.06
CA VAL E 226 0.64 -20.70 -50.84
C VAL E 226 1.64 -19.91 -50.00
N CYS E 227 1.39 -19.74 -48.70
CA CYS E 227 2.39 -19.07 -47.81
C CYS E 227 3.36 -20.15 -47.31
N MET E 228 4.62 -20.06 -47.73
CA MET E 228 5.63 -21.10 -47.37
C MET E 228 6.83 -20.42 -46.69
N ILE E 229 7.64 -21.19 -45.96
CA ILE E 229 8.84 -20.63 -45.27
C ILE E 229 10.09 -21.00 -46.07
N GLU E 230 10.74 -20.00 -46.70
CA GLU E 230 11.94 -20.25 -47.53
C GLU E 230 13.19 -20.25 -46.63
N TRP E 231 13.37 -21.31 -45.85
CA TRP E 231 14.56 -21.41 -44.96
C TRP E 231 15.86 -21.29 -45.78
N PRO E 232 16.97 -20.73 -45.24
CA PRO E 232 18.24 -20.66 -45.96
C PRO E 232 18.54 -21.99 -46.66
N GLU E 233 18.81 -21.94 -47.97
CA GLU E 233 19.04 -23.18 -48.76
C GLU E 233 20.29 -23.89 -48.26
N HIS E 234 20.14 -25.12 -47.77
CA HIS E 234 21.30 -25.92 -47.31
C HIS E 234 21.18 -27.34 -47.89
N PRO E 235 22.30 -28.02 -48.24
CA PRO E 235 22.25 -29.40 -48.74
C PRO E 235 21.50 -30.31 -47.75
N ASN E 236 21.81 -30.19 -46.46
CA ASN E 236 21.19 -31.09 -45.45
C ASN E 236 20.06 -30.33 -44.75
N LYS E 237 19.67 -29.17 -45.31
CA LYS E 237 18.62 -28.33 -44.69
C LYS E 237 18.97 -28.17 -43.21
N ILE E 238 20.27 -28.07 -42.88
CA ILE E 238 20.67 -28.03 -41.45
C ILE E 238 19.90 -26.95 -40.71
N TYR E 239 19.71 -25.77 -41.32
CA TYR E 239 19.06 -24.67 -40.57
C TYR E 239 17.63 -25.06 -40.19
N GLU E 240 16.82 -25.49 -41.15
CA GLU E 240 15.39 -25.78 -40.86
C GLU E 240 15.28 -27.04 -39.99
N LYS E 241 16.26 -27.94 -40.05
CA LYS E 241 16.24 -29.12 -39.15
C LYS E 241 16.49 -28.63 -37.72
N VAL E 242 17.53 -27.81 -37.53
CA VAL E 242 17.85 -27.28 -36.16
C VAL E 242 16.64 -26.51 -35.65
N TYR E 243 16.07 -25.62 -36.46
CA TYR E 243 14.94 -24.79 -35.97
C TYR E 243 13.82 -25.70 -35.49
N HIS E 244 13.39 -26.65 -36.34
CA HIS E 244 12.21 -27.47 -35.95
C HIS E 244 12.53 -28.35 -34.75
N ILE E 245 13.79 -28.81 -34.61
CA ILE E 245 14.17 -29.65 -33.44
C ILE E 245 14.18 -28.77 -32.18
N CYS E 246 14.82 -27.61 -32.25
CA CYS E 246 14.87 -26.70 -31.07
C CYS E 246 13.44 -26.37 -30.65
N VAL E 247 12.56 -26.10 -31.61
CA VAL E 247 11.13 -25.83 -31.27
C VAL E 247 10.59 -27.04 -30.50
N THR E 248 10.77 -28.24 -31.04
CA THR E 248 10.22 -29.47 -30.40
C THR E 248 10.79 -29.61 -28.98
N VAL E 249 12.07 -29.29 -28.80
CA VAL E 249 12.70 -29.48 -27.46
C VAL E 249 12.24 -28.38 -26.51
N LEU E 250 12.27 -27.12 -26.96
CA LEU E 250 11.95 -25.99 -26.04
C LEU E 250 10.46 -25.88 -25.72
N ILE E 251 9.56 -26.25 -26.63
CA ILE E 251 8.11 -26.01 -26.37
C ILE E 251 7.38 -27.34 -26.11
N TYR E 252 8.04 -28.45 -26.40
CA TYR E 252 7.40 -29.75 -26.08
C TYR E 252 8.18 -30.50 -25.02
N PHE E 253 9.41 -30.92 -25.32
CA PHE E 253 10.15 -31.77 -24.34
C PHE E 253 10.41 -31.01 -23.04
N LEU E 254 10.92 -29.79 -23.12
CA LEU E 254 11.28 -29.05 -21.88
C LEU E 254 10.02 -28.76 -21.05
N PRO E 255 8.89 -28.28 -21.62
CA PRO E 255 7.66 -28.10 -20.85
C PRO E 255 7.14 -29.44 -20.31
N LEU E 256 7.25 -30.51 -21.09
CA LEU E 256 6.68 -31.81 -20.63
C LEU E 256 7.50 -32.21 -19.40
N LEU E 257 8.72 -31.72 -19.30
CA LEU E 257 9.60 -32.05 -18.16
C LEU E 257 9.31 -31.21 -16.90
N VAL E 258 9.18 -29.88 -17.03
CA VAL E 258 8.91 -28.99 -15.86
C VAL E 258 7.42 -29.02 -15.46
N ILE E 259 6.49 -29.08 -16.40
CA ILE E 259 5.04 -29.17 -16.03
C ILE E 259 4.81 -30.57 -15.49
N GLY E 260 5.53 -31.55 -16.04
CA GLY E 260 5.29 -32.92 -15.60
C GLY E 260 5.88 -33.16 -14.22
N TYR E 261 7.11 -32.74 -13.94
CA TYR E 261 7.76 -32.85 -12.61
C TYR E 261 6.96 -32.08 -11.57
N ALA E 262 6.63 -30.82 -11.85
CA ALA E 262 5.94 -29.97 -10.88
C ALA E 262 4.62 -30.60 -10.51
N TYR E 263 3.85 -31.04 -11.49
CA TYR E 263 2.51 -31.64 -11.22
C TYR E 263 2.67 -32.95 -10.46
N THR E 264 3.74 -33.70 -10.71
CA THR E 264 3.96 -34.99 -10.01
C THR E 264 4.26 -34.70 -8.55
N VAL E 265 5.23 -33.82 -8.28
CA VAL E 265 5.62 -33.48 -6.89
C VAL E 265 4.40 -32.89 -6.18
N VAL E 266 3.64 -32.03 -6.85
CA VAL E 266 2.43 -31.42 -6.25
C VAL E 266 1.39 -32.51 -6.03
N GLY E 267 1.13 -33.34 -7.02
CA GLY E 267 0.09 -34.38 -6.92
C GLY E 267 0.47 -35.44 -5.92
N ILE E 268 1.76 -35.74 -5.80
CA ILE E 268 2.21 -36.75 -4.80
C ILE E 268 1.91 -36.21 -3.40
N THR E 269 2.24 -34.95 -3.14
CA THR E 269 1.93 -34.29 -1.84
C THR E 269 0.42 -34.20 -1.63
N LEU E 270 -0.32 -33.64 -2.57
CA LEU E 270 -1.77 -33.42 -2.38
C LEU E 270 -2.52 -34.73 -2.20
N TRP E 271 -2.19 -35.74 -3.01
CA TRP E 271 -2.95 -37.02 -2.96
C TRP E 271 -2.71 -37.70 -1.62
N ALA E 272 -1.45 -37.79 -1.17
CA ALA E 272 -1.17 -38.54 0.06
C ALA E 272 -1.87 -37.95 1.27
N TYR E 283 -10.86 -34.98 6.53
CA TYR E 283 -12.20 -34.52 6.12
C TYR E 283 -12.46 -34.99 4.69
N HIS E 284 -13.48 -35.83 4.49
CA HIS E 284 -13.75 -36.41 3.15
C HIS E 284 -13.83 -35.35 2.05
N GLU E 285 -14.59 -34.26 2.28
CA GLU E 285 -14.77 -33.24 1.20
C GLU E 285 -13.44 -32.55 0.91
N GLN E 286 -12.69 -32.16 1.95
CA GLN E 286 -11.42 -31.41 1.77
C GLN E 286 -10.37 -32.28 1.06
N VAL E 287 -10.19 -33.52 1.49
CA VAL E 287 -9.22 -34.42 0.80
C VAL E 287 -9.77 -34.80 -0.58
N SER E 288 -11.10 -34.82 -0.76
CA SER E 288 -11.68 -35.08 -2.10
C SER E 288 -11.29 -33.93 -3.04
N ALA E 289 -11.23 -32.70 -2.51
CA ALA E 289 -10.78 -31.57 -3.34
C ALA E 289 -9.29 -31.72 -3.66
N LYS E 290 -8.47 -32.02 -2.66
CA LYS E 290 -7.01 -32.15 -2.89
C LYS E 290 -6.77 -33.36 -3.80
N ARG E 291 -7.81 -34.16 -4.07
CA ARG E 291 -7.70 -35.27 -5.07
C ARG E 291 -8.22 -34.80 -6.43
N LYS E 292 -9.28 -33.99 -6.44
CA LYS E 292 -9.83 -33.46 -7.72
C LYS E 292 -8.76 -32.62 -8.40
N VAL E 293 -8.03 -31.82 -7.62
CA VAL E 293 -6.92 -31.00 -8.19
C VAL E 293 -5.92 -31.95 -8.85
N VAL E 294 -5.56 -33.04 -8.17
CA VAL E 294 -4.55 -33.98 -8.71
C VAL E 294 -5.08 -34.53 -10.03
N LYS E 295 -6.38 -34.83 -10.07
CA LYS E 295 -6.99 -35.34 -11.33
C LYS E 295 -6.79 -34.31 -12.44
N MET E 296 -7.20 -33.06 -12.19
CA MET E 296 -7.03 -31.99 -13.20
C MET E 296 -5.57 -32.01 -13.68
N MET E 297 -4.64 -32.10 -12.74
CA MET E 297 -3.19 -32.04 -13.11
C MET E 297 -2.78 -33.23 -13.96
N ILE E 298 -3.23 -34.44 -13.65
CA ILE E 298 -2.86 -35.57 -14.54
C ILE E 298 -3.48 -35.33 -15.92
N VAL E 299 -4.72 -34.81 -15.96
CA VAL E 299 -5.38 -34.54 -17.26
C VAL E 299 -4.54 -33.51 -18.02
N VAL E 300 -4.10 -32.45 -17.35
CA VAL E 300 -3.35 -31.38 -18.07
C VAL E 300 -2.06 -31.96 -18.64
N VAL E 301 -1.28 -32.69 -17.83
CA VAL E 301 0.02 -33.27 -18.26
C VAL E 301 -0.28 -34.17 -19.45
N CYS E 302 -1.24 -35.09 -19.32
CA CYS E 302 -1.54 -36.08 -20.39
C CYS E 302 -2.01 -35.34 -21.64
N THR E 303 -2.91 -34.37 -21.50
CA THR E 303 -3.44 -33.58 -22.63
C THR E 303 -2.25 -32.94 -23.35
N PHE E 304 -1.45 -32.14 -22.64
CA PHE E 304 -0.34 -31.39 -23.31
C PHE E 304 0.61 -32.34 -24.03
N ALA E 305 0.65 -33.60 -23.60
CA ALA E 305 1.58 -34.58 -24.21
C ALA E 305 0.90 -35.20 -25.43
N ILE E 306 -0.30 -35.71 -25.23
CA ILE E 306 -1.06 -36.44 -26.30
C ILE E 306 -1.41 -35.43 -27.40
N CYS E 307 -2.05 -34.31 -27.05
CA CYS E 307 -2.50 -33.30 -28.03
C CYS E 307 -1.33 -32.71 -28.82
N TRP E 308 -0.21 -32.36 -28.19
CA TRP E 308 0.89 -31.66 -28.93
C TRP E 308 1.84 -32.64 -29.63
N LEU E 309 1.90 -33.90 -29.21
CA LEU E 309 2.90 -34.78 -29.88
C LEU E 309 2.60 -34.81 -31.39
N PRO E 310 1.39 -35.14 -31.90
CA PRO E 310 1.18 -35.23 -33.33
C PRO E 310 1.61 -33.91 -34.00
N PHE E 311 1.33 -32.78 -33.36
CA PHE E 311 1.68 -31.48 -33.97
C PHE E 311 3.16 -31.50 -34.36
N HIS E 312 4.02 -31.82 -33.39
CA HIS E 312 5.48 -31.81 -33.66
C HIS E 312 5.82 -32.88 -34.70
N ILE E 313 5.22 -34.07 -34.58
CA ILE E 313 5.60 -35.17 -35.51
C ILE E 313 5.32 -34.68 -36.92
N PHE E 314 4.22 -33.96 -37.11
CA PHE E 314 3.86 -33.47 -38.46
C PHE E 314 4.92 -32.51 -38.99
N PHE E 315 5.47 -31.64 -38.13
CA PHE E 315 6.41 -30.60 -38.62
C PHE E 315 7.86 -31.09 -38.69
N LEU E 316 8.12 -32.31 -38.19
CA LEU E 316 9.48 -32.89 -38.23
C LEU E 316 9.49 -34.04 -39.24
N LEU E 317 8.32 -34.37 -39.78
CA LEU E 317 8.22 -35.47 -40.77
C LEU E 317 8.67 -34.99 -42.15
N PRO E 318 8.60 -33.71 -42.59
CA PRO E 318 9.11 -33.37 -43.93
C PRO E 318 10.63 -33.62 -43.99
N TYR E 319 11.28 -33.74 -42.82
CA TYR E 319 12.73 -34.05 -42.80
C TYR E 319 12.93 -35.56 -42.82
N ILE E 320 12.15 -36.30 -42.02
CA ILE E 320 12.24 -37.78 -41.98
C ILE E 320 11.76 -38.40 -43.30
N ASN E 321 10.66 -37.90 -43.88
CA ASN E 321 10.09 -38.52 -45.10
C ASN E 321 9.36 -37.45 -45.93
N PRO E 322 10.01 -36.68 -46.84
CA PRO E 322 9.32 -35.62 -47.60
C PRO E 322 8.25 -36.16 -48.57
N ASP E 323 8.24 -37.47 -48.82
CA ASP E 323 7.27 -38.05 -49.79
C ASP E 323 5.85 -37.98 -49.22
N LEU E 324 5.70 -38.04 -47.89
CA LEU E 324 4.35 -38.05 -47.26
C LEU E 324 3.61 -36.75 -47.59
N TYR E 325 4.32 -35.62 -47.54
CA TYR E 325 3.69 -34.30 -47.81
C TYR E 325 3.15 -34.25 -49.25
N LEU E 326 3.80 -34.98 -50.15
CA LEU E 326 3.40 -34.93 -51.58
C LEU E 326 2.09 -35.71 -51.80
N LYS E 327 1.68 -36.52 -50.82
CA LYS E 327 0.45 -37.35 -51.01
C LYS E 327 -0.78 -36.47 -50.76
N LYS E 328 -1.98 -37.04 -50.91
CA LYS E 328 -3.22 -36.22 -50.77
C LYS E 328 -3.79 -36.35 -49.37
N PHE E 329 -3.68 -37.54 -48.78
CA PHE E 329 -4.28 -37.79 -47.44
C PHE E 329 -3.65 -36.85 -46.40
N ILE E 330 -2.46 -36.35 -46.67
CA ILE E 330 -1.74 -35.48 -45.68
C ILE E 330 -2.60 -34.25 -45.37
N GLN E 331 -3.47 -33.84 -46.30
CA GLN E 331 -4.37 -32.69 -46.04
C GLN E 331 -5.23 -33.00 -44.83
N GLN E 332 -5.92 -34.13 -44.85
CA GLN E 332 -6.83 -34.51 -43.75
C GLN E 332 -6.01 -34.68 -42.46
N VAL E 333 -4.80 -35.24 -42.56
CA VAL E 333 -3.93 -35.44 -41.38
C VAL E 333 -3.70 -34.09 -40.70
N TYR E 334 -3.36 -33.06 -41.48
CA TYR E 334 -3.10 -31.71 -40.91
C TYR E 334 -4.37 -31.20 -40.22
N LEU E 335 -5.52 -31.33 -40.89
CA LEU E 335 -6.80 -30.87 -40.30
C LEU E 335 -7.02 -31.56 -38.94
N ALA E 336 -6.53 -32.79 -38.79
CA ALA E 336 -6.65 -33.54 -37.51
C ALA E 336 -5.59 -33.07 -36.52
N ILE E 337 -4.31 -33.04 -36.92
CA ILE E 337 -3.26 -32.72 -35.92
C ILE E 337 -3.48 -31.31 -35.36
N MET E 338 -3.82 -30.34 -36.21
CA MET E 338 -4.10 -28.99 -35.67
C MET E 338 -5.31 -29.08 -34.76
N TRP E 339 -6.37 -29.75 -35.19
CA TRP E 339 -7.60 -29.81 -34.37
C TRP E 339 -7.21 -30.28 -32.96
N LEU E 340 -6.46 -31.37 -32.88
CA LEU E 340 -6.12 -31.98 -31.57
C LEU E 340 -5.29 -30.97 -30.76
N ALA E 341 -4.34 -30.30 -31.40
CA ALA E 341 -3.44 -29.39 -30.67
C ALA E 341 -4.20 -28.13 -30.23
N MET E 342 -5.06 -27.62 -31.10
CA MET E 342 -5.77 -26.35 -30.78
C MET E 342 -6.87 -26.64 -29.76
N SER E 343 -7.27 -27.90 -29.65
CA SER E 343 -8.38 -28.26 -28.73
C SER E 343 -7.91 -28.03 -27.29
N SER E 344 -6.60 -27.88 -27.10
CA SER E 344 -6.03 -27.67 -25.75
C SER E 344 -6.60 -26.38 -25.16
N THR E 345 -6.86 -25.40 -26.03
CA THR E 345 -7.32 -24.08 -25.56
C THR E 345 -8.65 -24.22 -24.80
N MET E 346 -9.53 -25.10 -25.26
CA MET E 346 -10.88 -25.22 -24.63
C MET E 346 -10.76 -25.75 -23.21
N TYR E 347 -9.79 -26.63 -22.96
CA TYR E 347 -9.69 -27.28 -21.61
C TYR E 347 -9.45 -26.29 -20.47
N ASN E 348 -8.63 -25.26 -20.67
CA ASN E 348 -8.28 -24.39 -19.52
C ASN E 348 -9.51 -23.71 -18.89
N PRO E 349 -10.46 -23.10 -19.64
CA PRO E 349 -11.66 -22.54 -19.01
C PRO E 349 -12.52 -23.58 -18.30
N ILE E 350 -12.69 -24.76 -18.91
CA ILE E 350 -13.55 -25.82 -18.30
C ILE E 350 -12.95 -26.22 -16.95
N ILE E 351 -11.63 -26.36 -16.90
CA ILE E 351 -10.94 -26.71 -15.63
C ILE E 351 -11.28 -25.64 -14.59
N TYR E 352 -11.10 -24.37 -14.93
CA TYR E 352 -11.29 -23.30 -13.91
C TYR E 352 -12.74 -23.32 -13.38
N CYS E 353 -13.70 -23.74 -14.19
CA CYS E 353 -15.13 -23.80 -13.76
C CYS E 353 -15.36 -25.00 -12.85
N CYS E 354 -14.82 -26.16 -13.22
CA CYS E 354 -15.09 -27.39 -12.42
C CYS E 354 -14.40 -27.29 -11.06
N LEU E 355 -13.16 -26.80 -11.02
CA LEU E 355 -12.42 -26.78 -9.73
C LEU E 355 -12.79 -25.54 -8.91
N ASN E 356 -13.08 -24.40 -9.55
CA ASN E 356 -13.32 -23.14 -8.77
C ASN E 356 -14.79 -22.71 -8.89
N ASP E 357 -15.44 -22.48 -7.74
CA ASP E 357 -16.86 -22.02 -7.73
C ASP E 357 -16.92 -20.58 -8.24
N ARG E 358 -15.95 -19.74 -7.86
CA ARG E 358 -15.94 -18.31 -8.25
C ARG E 358 -15.78 -18.15 -9.78
N PHE E 359 -15.46 -19.22 -10.50
CA PHE E 359 -15.37 -19.14 -11.99
C PHE E 359 -16.68 -19.63 -12.61
N ARG E 360 -17.27 -20.72 -12.09
CA ARG E 360 -18.58 -21.17 -12.63
C ARG E 360 -19.65 -20.12 -12.32
N LEU E 361 -19.64 -19.56 -11.11
CA LEU E 361 -20.61 -18.49 -10.75
C LEU E 361 -20.36 -17.26 -11.63
N GLY E 362 -19.09 -16.95 -11.87
CA GLY E 362 -18.75 -15.81 -12.75
C GLY E 362 -19.26 -16.05 -14.16
N PHE E 363 -19.16 -17.30 -14.63
CA PHE E 363 -19.58 -17.62 -16.02
C PHE E 363 -21.07 -17.35 -16.20
N LYS E 364 -21.90 -17.78 -15.25
CA LYS E 364 -23.36 -17.45 -15.34
C LYS E 364 -23.53 -15.94 -15.16
N HIS E 365 -22.76 -15.34 -14.26
CA HIS E 365 -22.88 -13.88 -13.98
C HIS E 365 -22.69 -13.07 -15.26
N ALA E 366 -21.77 -13.46 -16.15
CA ALA E 366 -21.67 -12.72 -17.42
C ALA E 366 -22.77 -13.24 -18.36
N ARG F 1 11.03 -25.51 -53.11
CA ARG F 1 10.67 -26.17 -54.39
C ARG F 1 9.15 -26.42 -54.42
N PRO F 2 8.32 -25.41 -54.76
CA PRO F 2 6.86 -25.57 -54.72
C PRO F 2 6.39 -26.62 -55.74
N LYS F 3 5.71 -27.66 -55.26
CA LYS F 3 5.17 -28.72 -56.16
C LYS F 3 3.64 -28.68 -56.15
N PRO F 4 2.96 -28.93 -57.29
CA PRO F 4 1.49 -28.88 -57.35
C PRO F 4 0.80 -29.91 -56.43
N GLN F 5 1.55 -30.93 -56.00
CA GLN F 5 0.98 -31.97 -55.11
C GLN F 5 1.52 -31.81 -53.68
N GLN F 6 2.40 -30.83 -53.46
CA GLN F 6 3.00 -30.69 -52.10
C GLN F 6 2.02 -29.96 -51.19
N PHE F 7 1.80 -30.48 -49.99
CA PHE F 7 0.94 -29.78 -49.01
C PHE F 7 1.80 -28.82 -48.17
N PHE F 8 1.28 -27.63 -47.91
CA PHE F 8 2.02 -26.64 -47.10
C PHE F 8 1.22 -26.38 -45.81
N GLY F 9 1.78 -26.80 -44.67
CA GLY F 9 1.09 -26.59 -43.37
C GLY F 9 1.74 -25.49 -42.55
N LEU F 10 0.97 -24.83 -41.69
CA LEU F 10 1.50 -23.70 -40.88
C LEU F 10 1.34 -24.00 -39.39
N MET F 11 2.38 -23.73 -38.60
CA MET F 11 2.34 -24.02 -37.15
C MET F 11 1.31 -23.12 -36.48
#